data_6E37
#
_entry.id   6E37
#
_cell.length_a   137.656
_cell.length_b   150.984
_cell.length_c   198.892
_cell.angle_alpha   90.00
_cell.angle_beta   90.00
_cell.angle_gamma   90.00
#
_symmetry.space_group_name_H-M   'F 2 2 2'
#
loop_
_entity.id
_entity.type
_entity.pdbx_description
1 polymer 'O-GlcNAc transferase subunit p110'
2 polymer TYR-PRO-GLY-GLY-SER-THR-PRO-VAL-SER-SER-ALA-ASN
3 non-polymer '(2S,3R,4R,5S,6R)-3-[(2E)-but-2-enoylamino]-4,5-dihydroxy-6-(hydroxymethyl)tetrahydro-2H-thiopyran-2-yl [(2R,3S,4R,5R)-5-(2,4-dioxo-3,4-dihydropyrimidin-1(2H)-yl)-3,4-dihydroxytetrahydrofuran-2-yl]methyl dihydrogen diphosphate (non-preferred name)'
4 water water
#
loop_
_entity_poly.entity_id
_entity_poly.type
_entity_poly.pdbx_seq_one_letter_code
_entity_poly.pdbx_strand_id
1 'polypeptide(L)'
;GPGSCPTHADSLNNLANIKREQGNIEEAVRLYRKALEVFPEFAAAHSNLASVLQQQGKLQEALMHYKEAIRISPTFADAY
SNMGNTLKEMQDVQGALQCYTRAIQINPAFADAHSNLASIHKDSGNIPEAIASYRTALKLKPDFPDAYCNLAHCLQIVCD
WTDYDERMKKLVSIVADQLEKNRLPSVHPHHSMLYPLSHGFRKAIAERHGNLCLDKINVLHKPPYEHPKDLKLSDGRLRV
GYVSSDFGNHPTSHLMQSIPGMHNPDKFEVFCYALSPDDGTNFRVKVMAEANHFIDLSQIPCNGKAADRIHQDGIHILVN
MNGYTKGARNELFALRPAPIQAMWLGYPGTSGALFMDYIITDQETSPAEVAEQYSEKLAYMPHTFFIGDHANMFPHLKKK
AVIDFKSNGHIYDNRIVLNGIDLKAFLDSLPDVKIVKMKCPDGGDNADSSNTALNMPVIPMNTIAEAVIEMINRGQIQIT
INGFSISNGLATTQINNKAATGEEVPRTIIVTTRSQYGLPEDAIVYCNFNQLYKIDPSTLQMWANILKRVPNSVLWLLRF
PAVGEPNIQQYAQNMGLPQNRIIFSPVAPKEEHVRRGQLADVCLDTPLCNGHTTGMDVLWAGTPMVTMPGETLASRVAAS
QLTCLGCLELIAKNRQEYEDIAVKLGTDLEYLKKVRGKVWKQRISSPLFNTKQYTMELERLYLQMWEHYAAGNKPDHMIK
PVE
;
A
2 'polypeptide(L)' YPGGSTPVSSANMM B
#
# COMPACT_ATOMS: atom_id res chain seq x y z
N PRO A 6 -12.19 -11.41 47.54
CA PRO A 6 -10.92 -11.75 48.20
C PRO A 6 -9.72 -10.95 47.68
N THR A 7 -8.74 -10.76 48.56
CA THR A 7 -7.47 -10.14 48.18
C THR A 7 -6.48 -11.14 47.64
N HIS A 8 -6.62 -12.42 48.00
CA HIS A 8 -5.92 -13.48 47.30
C HIS A 8 -6.19 -13.42 45.80
N ALA A 9 -7.47 -13.26 45.42
CA ALA A 9 -7.85 -13.07 44.02
C ALA A 9 -7.22 -11.80 43.45
N ASP A 10 -7.12 -10.74 44.25
CA ASP A 10 -6.52 -9.50 43.77
C ASP A 10 -5.06 -9.68 43.41
N SER A 11 -4.31 -10.39 44.24
CA SER A 11 -2.89 -10.56 43.97
C SER A 11 -2.68 -11.41 42.72
N LEU A 12 -3.50 -12.45 42.55
CA LEU A 12 -3.50 -13.24 41.32
C LEU A 12 -3.81 -12.36 40.11
N ASN A 13 -4.87 -11.55 40.20
CA ASN A 13 -5.21 -10.65 39.11
C ASN A 13 -4.06 -9.71 38.78
N ASN A 14 -3.40 -9.15 39.80
CA ASN A 14 -2.33 -8.18 39.56
C ASN A 14 -1.07 -8.86 39.02
N LEU A 15 -0.74 -10.04 39.54
CA LEU A 15 0.37 -10.80 38.98
C LEU A 15 0.13 -11.07 37.49
N ALA A 16 -1.07 -11.55 37.15
CA ALA A 16 -1.40 -11.80 35.75
C ALA A 16 -1.26 -10.53 34.92
N ASN A 17 -1.65 -9.38 35.45
CA ASN A 17 -1.53 -8.14 34.68
C ASN A 17 -0.09 -7.88 34.28
N ILE A 18 0.86 -8.05 35.20
CA ILE A 18 2.25 -7.78 34.85
C ILE A 18 2.76 -8.85 33.90
N LYS A 19 2.39 -10.11 34.15
CA LYS A 19 2.73 -11.19 33.22
C LYS A 19 2.32 -10.85 31.80
N ARG A 20 1.14 -10.25 31.64
CA ARG A 20 0.73 -9.76 30.33
C ARG A 20 1.69 -8.68 29.82
N GLU A 21 1.88 -7.61 30.62
CA GLU A 21 2.83 -6.57 30.27
C GLU A 21 4.14 -7.16 29.75
N GLN A 22 4.66 -8.17 30.45
CA GLN A 22 5.88 -8.83 30.00
C GLN A 22 5.70 -9.53 28.66
N GLY A 23 4.46 -9.74 28.21
CA GLY A 23 4.23 -10.59 27.07
C GLY A 23 4.29 -12.07 27.35
N ASN A 24 4.20 -12.50 28.61
CA ASN A 24 3.98 -13.91 28.94
C ASN A 24 2.48 -14.13 28.93
N ILE A 25 1.94 -14.32 27.72
CA ILE A 25 0.51 -14.44 27.52
C ILE A 25 -0.03 -15.65 28.26
N GLU A 26 0.61 -16.80 28.07
CA GLU A 26 0.13 -18.04 28.68
C GLU A 26 0.05 -17.93 30.19
N GLU A 27 1.06 -17.31 30.81
CA GLU A 27 1.06 -17.20 32.26
C GLU A 27 -0.08 -16.30 32.75
N ALA A 28 -0.28 -15.14 32.11
CA ALA A 28 -1.38 -14.26 32.48
C ALA A 28 -2.71 -14.99 32.49
N VAL A 29 -3.05 -15.66 31.38
CA VAL A 29 -4.33 -16.39 31.29
C VAL A 29 -4.50 -17.31 32.49
N ARG A 30 -3.46 -18.10 32.81
CA ARG A 30 -3.57 -19.07 33.89
C ARG A 30 -3.86 -18.38 35.23
N LEU A 31 -3.21 -17.25 35.48
CA LEU A 31 -3.45 -16.53 36.74
C LEU A 31 -4.85 -15.92 36.78
N TYR A 32 -5.29 -15.30 35.66
CA TYR A 32 -6.64 -14.76 35.62
C TYR A 32 -7.66 -15.85 35.96
N ARG A 33 -7.45 -17.06 35.43
CA ARG A 33 -8.40 -18.13 35.71
C ARG A 33 -8.35 -18.54 37.18
N LYS A 34 -7.15 -18.65 37.75
CA LYS A 34 -7.03 -18.88 39.19
C LYS A 34 -7.76 -17.80 39.98
N ALA A 35 -7.61 -16.53 39.57
CA ALA A 35 -8.36 -15.45 40.23
C ALA A 35 -9.86 -15.72 40.20
N LEU A 36 -10.40 -16.09 39.02
CA LEU A 36 -11.84 -16.36 38.93
C LEU A 36 -12.24 -17.61 39.69
N GLU A 37 -11.29 -18.51 39.95
CA GLU A 37 -11.54 -19.68 40.77
C GLU A 37 -11.63 -19.32 42.25
N VAL A 38 -10.76 -18.42 42.72
CA VAL A 38 -10.83 -17.90 44.08
C VAL A 38 -12.10 -17.06 44.26
N PHE A 39 -12.39 -16.17 43.31
CA PHE A 39 -13.42 -15.15 43.46
C PHE A 39 -14.16 -15.03 42.14
N PRO A 40 -15.17 -15.88 41.91
CA PRO A 40 -15.82 -15.94 40.58
C PRO A 40 -16.50 -14.66 40.15
N GLU A 41 -17.11 -13.91 41.06
CA GLU A 41 -17.76 -12.64 40.72
C GLU A 41 -16.76 -11.51 40.54
N PHE A 42 -15.56 -11.81 40.05
CA PHE A 42 -14.48 -10.82 39.96
C PHE A 42 -14.55 -10.16 38.58
N ALA A 43 -15.25 -9.03 38.51
CA ALA A 43 -15.49 -8.39 37.22
C ALA A 43 -14.18 -8.04 36.52
N ALA A 44 -13.22 -7.47 37.25
CA ALA A 44 -11.96 -7.06 36.61
C ALA A 44 -11.19 -8.27 36.10
N ALA A 45 -11.15 -9.35 36.86
CA ALA A 45 -10.47 -10.55 36.36
C ALA A 45 -11.07 -11.01 35.04
N HIS A 46 -12.41 -11.06 34.95
CA HIS A 46 -13.08 -11.42 33.70
C HIS A 46 -12.61 -10.53 32.56
N SER A 47 -12.66 -9.22 32.78
CA SER A 47 -12.29 -8.28 31.73
C SER A 47 -10.83 -8.44 31.32
N ASN A 48 -9.95 -8.67 32.31
CA ASN A 48 -8.54 -8.91 31.99
C ASN A 48 -8.35 -10.22 31.25
N LEU A 49 -9.07 -11.28 31.63
CA LEU A 49 -8.96 -12.53 30.88
C LEU A 49 -9.42 -12.32 29.44
N ALA A 50 -10.57 -11.67 29.25
CA ALA A 50 -11.03 -11.35 27.92
C ALA A 50 -9.93 -10.67 27.11
N SER A 51 -9.19 -9.77 27.72
CA SER A 51 -8.20 -8.99 26.99
C SER A 51 -7.03 -9.85 26.51
N VAL A 52 -6.55 -10.76 27.36
CA VAL A 52 -5.46 -11.61 26.91
C VAL A 52 -5.98 -12.69 25.96
N LEU A 53 -7.23 -13.14 26.13
CA LEU A 53 -7.83 -14.03 25.14
C LEU A 53 -7.96 -13.34 23.80
N GLN A 54 -8.39 -12.08 23.80
CA GLN A 54 -8.47 -11.34 22.56
C GLN A 54 -7.10 -11.24 21.89
N GLN A 55 -6.05 -11.04 22.69
CA GLN A 55 -4.70 -10.97 22.15
C GLN A 55 -4.30 -12.26 21.43
N GLN A 56 -4.84 -13.40 21.85
CA GLN A 56 -4.54 -14.68 21.21
C GLN A 56 -5.43 -14.99 20.02
N GLY A 57 -6.40 -14.13 19.71
CA GLY A 57 -7.34 -14.44 18.65
C GLY A 57 -8.56 -15.23 19.08
N LYS A 58 -8.74 -15.47 20.38
CA LYS A 58 -9.88 -16.24 20.87
C LYS A 58 -11.02 -15.27 21.16
N LEU A 59 -11.59 -14.78 20.07
CA LEU A 59 -12.47 -13.61 20.14
C LEU A 59 -13.83 -13.95 20.73
N GLN A 60 -14.38 -15.12 20.35
CA GLN A 60 -15.65 -15.54 20.94
C GLN A 60 -15.51 -15.74 22.44
N GLU A 61 -14.41 -16.35 22.89
CA GLU A 61 -14.22 -16.55 24.33
C GLU A 61 -14.03 -15.21 25.03
N ALA A 62 -13.28 -14.31 24.39
CA ALA A 62 -13.11 -12.96 24.94
C ALA A 62 -14.47 -12.30 25.18
N LEU A 63 -15.32 -12.27 24.14
CA LEU A 63 -16.65 -11.70 24.29
C LEU A 63 -17.39 -12.30 25.49
N MET A 64 -17.31 -13.62 25.66
CA MET A 64 -18.08 -14.23 26.74
C MET A 64 -17.66 -13.65 28.10
N HIS A 65 -16.36 -13.46 28.33
CA HIS A 65 -15.88 -12.92 29.59
C HIS A 65 -16.13 -11.41 29.73
N TYR A 66 -16.11 -10.66 28.64
CA TYR A 66 -16.50 -9.26 28.72
C TYR A 66 -17.96 -9.11 29.17
N LYS A 67 -18.85 -9.90 28.57
CA LYS A 67 -20.26 -9.81 28.94
C LYS A 67 -20.46 -10.23 30.38
N GLU A 68 -19.65 -11.18 30.85
CA GLU A 68 -19.67 -11.58 32.24
C GLU A 68 -19.28 -10.42 33.14
N ALA A 69 -18.19 -9.73 32.80
CA ALA A 69 -17.73 -8.60 33.61
C ALA A 69 -18.78 -7.49 33.67
N ILE A 70 -19.48 -7.24 32.57
CA ILE A 70 -20.52 -6.22 32.56
C ILE A 70 -21.79 -6.69 33.28
N ARG A 71 -22.06 -7.99 33.24
CA ARG A 71 -23.16 -8.54 34.03
C ARG A 71 -22.93 -8.27 35.52
N ILE A 72 -21.73 -8.62 36.02
CA ILE A 72 -21.38 -8.36 37.40
C ILE A 72 -21.42 -6.87 37.69
N SER A 73 -20.84 -6.06 36.80
CA SER A 73 -20.67 -4.62 37.02
C SER A 73 -21.19 -3.80 35.84
N PRO A 74 -22.45 -3.36 35.89
CA PRO A 74 -23.10 -2.79 34.69
C PRO A 74 -22.58 -1.43 34.26
N THR A 75 -21.76 -0.76 35.05
CA THR A 75 -21.17 0.51 34.63
C THR A 75 -19.66 0.41 34.46
N PHE A 76 -19.12 -0.81 34.36
CA PHE A 76 -17.72 -1.05 34.04
C PHE A 76 -17.32 -0.50 32.66
N ALA A 77 -17.05 0.81 32.59
CA ALA A 77 -16.77 1.48 31.31
C ALA A 77 -15.61 0.82 30.57
N ASP A 78 -14.52 0.49 31.28
CA ASP A 78 -13.38 -0.17 30.65
C ASP A 78 -13.79 -1.42 29.91
N ALA A 79 -14.69 -2.22 30.51
CA ALA A 79 -15.11 -3.46 29.87
C ALA A 79 -15.85 -3.17 28.57
N TYR A 80 -16.71 -2.15 28.55
CA TYR A 80 -17.39 -1.80 27.31
C TYR A 80 -16.38 -1.39 26.24
N SER A 81 -15.40 -0.58 26.62
CA SER A 81 -14.39 -0.09 25.68
C SER A 81 -13.54 -1.24 25.17
N ASN A 82 -13.03 -2.09 26.07
CA ASN A 82 -12.24 -3.23 25.60
C ASN A 82 -13.08 -4.24 24.83
N MET A 83 -14.35 -4.40 25.22
CA MET A 83 -15.25 -5.26 24.45
C MET A 83 -15.40 -4.74 23.04
N GLY A 84 -15.54 -3.42 22.88
CA GLY A 84 -15.68 -2.85 21.55
C GLY A 84 -14.45 -3.04 20.67
N ASN A 85 -13.25 -3.03 21.28
CA ASN A 85 -12.06 -3.37 20.54
C ASN A 85 -12.17 -4.77 19.98
N THR A 86 -12.66 -5.71 20.78
CA THR A 86 -12.84 -7.07 20.29
C THR A 86 -13.84 -7.10 19.15
N LEU A 87 -14.97 -6.42 19.30
CA LEU A 87 -15.98 -6.43 18.25
C LEU A 87 -15.42 -5.86 16.94
N LYS A 88 -14.56 -4.84 17.07
CA LYS A 88 -13.93 -4.22 15.91
C LYS A 88 -13.02 -5.21 15.19
N GLU A 89 -12.22 -5.94 15.95
CA GLU A 89 -11.37 -6.97 15.37
C GLU A 89 -12.18 -8.05 14.65
N MET A 90 -13.39 -8.35 15.15
CA MET A 90 -14.31 -9.30 14.53
C MET A 90 -15.05 -8.71 13.33
N GLN A 91 -14.84 -7.43 13.01
CA GLN A 91 -15.51 -6.74 11.90
C GLN A 91 -16.92 -6.26 12.25
N ASP A 92 -17.34 -6.36 13.50
CA ASP A 92 -18.66 -5.88 13.93
C ASP A 92 -18.50 -4.41 14.32
N VAL A 93 -18.64 -3.51 13.33
CA VAL A 93 -18.41 -2.09 13.60
C VAL A 93 -19.58 -1.49 14.37
N GLN A 94 -20.83 -1.87 14.05
CA GLN A 94 -21.98 -1.40 14.81
C GLN A 94 -21.88 -1.80 16.28
N GLY A 95 -21.57 -3.07 16.55
CA GLY A 95 -21.33 -3.49 17.92
C GLY A 95 -20.29 -2.64 18.62
N ALA A 96 -19.14 -2.44 17.97
CA ALA A 96 -18.08 -1.66 18.59
C ALA A 96 -18.54 -0.23 18.88
N LEU A 97 -19.34 0.36 17.97
CA LEU A 97 -19.85 1.70 18.18
C LEU A 97 -20.72 1.78 19.43
N GLN A 98 -21.63 0.81 19.58
CA GLN A 98 -22.43 0.71 20.79
C GLN A 98 -21.54 0.58 22.01
N CYS A 99 -20.52 -0.25 21.94
CA CYS A 99 -19.65 -0.43 23.09
C CYS A 99 -18.91 0.86 23.45
N TYR A 100 -18.29 1.51 22.46
CA TYR A 100 -17.54 2.76 22.71
C TYR A 100 -18.48 3.86 23.20
N THR A 101 -19.55 4.13 22.44
CA THR A 101 -20.52 5.14 22.85
C THR A 101 -21.05 4.86 24.25
N ARG A 102 -21.38 3.61 24.53
CA ARG A 102 -21.88 3.29 25.87
C ARG A 102 -20.83 3.58 26.93
N ALA A 103 -19.56 3.28 26.64
CA ALA A 103 -18.51 3.62 27.61
C ALA A 103 -18.42 5.13 27.86
N ILE A 104 -18.69 5.95 26.84
CA ILE A 104 -18.55 7.39 27.00
C ILE A 104 -19.76 7.98 27.74
N GLN A 105 -20.96 7.41 27.54
CA GLN A 105 -22.10 7.78 28.36
C GLN A 105 -21.84 7.48 29.82
N ILE A 106 -21.24 6.34 30.12
CA ILE A 106 -20.98 6.00 31.51
C ILE A 106 -19.97 6.95 32.10
N ASN A 107 -18.94 7.29 31.33
CA ASN A 107 -17.84 8.14 31.79
C ASN A 107 -17.37 9.07 30.68
N PRO A 108 -17.99 10.25 30.56
CA PRO A 108 -17.58 11.20 29.50
C PRO A 108 -16.13 11.67 29.61
N ALA A 109 -15.44 11.41 30.71
CA ALA A 109 -14.02 11.72 30.84
C ALA A 109 -13.11 10.52 30.55
N PHE A 110 -13.66 9.46 29.95
CA PHE A 110 -12.89 8.26 29.64
C PHE A 110 -12.11 8.48 28.34
N ALA A 111 -10.83 8.87 28.45
CA ALA A 111 -10.06 9.25 27.26
C ALA A 111 -9.91 8.08 26.27
N ASP A 112 -9.54 6.90 26.77
CA ASP A 112 -9.36 5.74 25.89
C ASP A 112 -10.61 5.46 25.07
N ALA A 113 -11.79 5.59 25.67
CA ALA A 113 -13.00 5.29 24.92
C ALA A 113 -13.21 6.30 23.80
N HIS A 114 -12.86 7.58 24.05
CA HIS A 114 -12.92 8.59 22.99
C HIS A 114 -11.92 8.28 21.88
N SER A 115 -10.70 7.87 22.26
CA SER A 115 -9.70 7.47 21.28
C SER A 115 -10.16 6.26 20.47
N ASN A 116 -10.77 5.27 21.12
CA ASN A 116 -11.25 4.09 20.40
C ASN A 116 -12.40 4.43 19.46
N LEU A 117 -13.28 5.35 19.86
CA LEU A 117 -14.33 5.82 18.94
C LEU A 117 -13.72 6.57 17.75
N ALA A 118 -12.69 7.39 18.00
CA ALA A 118 -12.08 8.10 16.88
C ALA A 118 -11.55 7.12 15.85
N SER A 119 -10.88 6.05 16.30
CA SER A 119 -10.34 5.06 15.36
C SER A 119 -11.44 4.47 14.48
N ILE A 120 -12.63 4.25 15.02
CA ILE A 120 -13.75 3.78 14.19
C ILE A 120 -14.06 4.80 13.11
N HIS A 121 -14.17 6.07 13.50
CA HIS A 121 -14.42 7.13 12.53
C HIS A 121 -13.32 7.20 11.47
N LYS A 122 -12.05 7.08 11.89
CA LYS A 122 -10.94 7.09 10.95
C LYS A 122 -11.05 5.95 9.95
N ASP A 123 -11.32 4.72 10.44
CA ASP A 123 -11.41 3.55 9.56
C ASP A 123 -12.46 3.74 8.49
N SER A 124 -13.58 4.34 8.83
CA SER A 124 -14.64 4.56 7.87
C SER A 124 -14.40 5.77 7.02
N GLY A 125 -13.25 6.43 7.18
CA GLY A 125 -12.89 7.57 6.36
C GLY A 125 -13.40 8.91 6.86
N ASN A 126 -14.14 8.94 7.96
CA ASN A 126 -14.65 10.19 8.53
C ASN A 126 -13.55 10.88 9.35
N ILE A 127 -12.53 11.39 8.63
CA ILE A 127 -11.37 12.00 9.31
C ILE A 127 -11.78 13.19 10.16
N PRO A 128 -12.64 14.10 9.70
CA PRO A 128 -13.06 15.22 10.57
C PRO A 128 -13.59 14.75 11.93
N GLU A 129 -14.45 13.73 11.94
CA GLU A 129 -14.98 13.23 13.20
C GLU A 129 -13.89 12.52 14.00
N ALA A 130 -13.02 11.78 13.32
CA ALA A 130 -11.91 11.12 14.03
C ALA A 130 -10.99 12.16 14.66
N ILE A 131 -10.70 13.25 13.94
CA ILE A 131 -9.83 14.27 14.52
C ILE A 131 -10.48 14.86 15.76
N ALA A 132 -11.80 15.13 15.68
CA ALA A 132 -12.51 15.71 16.82
C ALA A 132 -12.48 14.80 18.05
N SER A 133 -12.67 13.47 17.87
CA SER A 133 -12.68 12.60 19.04
C SER A 133 -11.28 12.40 19.61
N TYR A 134 -10.26 12.41 18.74
CA TYR A 134 -8.89 12.33 19.25
C TYR A 134 -8.55 13.56 20.09
N ARG A 135 -9.11 14.71 19.73
CA ARG A 135 -8.81 15.93 20.45
C ARG A 135 -9.48 15.91 21.83
N THR A 136 -10.67 15.34 21.92
CA THR A 136 -11.25 15.11 23.23
C THR A 136 -10.37 14.17 24.06
N ALA A 137 -9.98 13.04 23.48
CA ALA A 137 -9.06 12.14 24.19
C ALA A 137 -7.84 12.89 24.72
N LEU A 138 -7.22 13.70 23.86
CA LEU A 138 -6.02 14.43 24.24
C LEU A 138 -6.32 15.55 25.25
N LYS A 139 -7.49 16.17 25.14
CA LYS A 139 -7.89 17.16 26.13
C LYS A 139 -8.07 16.51 27.50
N LEU A 140 -8.75 15.36 27.56
CA LEU A 140 -8.98 14.68 28.82
C LEU A 140 -7.71 14.04 29.37
N LYS A 141 -6.76 13.72 28.51
CA LYS A 141 -5.56 12.98 28.91
C LYS A 141 -4.44 13.42 28.00
N PRO A 142 -3.78 14.53 28.33
CA PRO A 142 -2.82 15.14 27.39
C PRO A 142 -1.60 14.27 27.08
N ASP A 143 -1.16 13.42 28.00
CA ASP A 143 -0.07 12.48 27.72
C ASP A 143 -0.74 11.16 27.31
N PHE A 144 -0.97 11.03 26.00
CA PHE A 144 -1.73 9.91 25.45
C PHE A 144 -1.14 9.57 24.09
N PRO A 145 -0.04 8.79 24.08
CA PRO A 145 0.70 8.60 22.82
C PRO A 145 -0.13 7.99 21.71
N ASP A 146 -0.90 6.93 22.00
CA ASP A 146 -1.79 6.34 21.01
C ASP A 146 -2.69 7.40 20.36
N ALA A 147 -3.37 8.19 21.19
CA ALA A 147 -4.26 9.18 20.61
C ALA A 147 -3.49 10.26 19.84
N TYR A 148 -2.28 10.64 20.29
CA TYR A 148 -1.55 11.68 19.58
C TYR A 148 -1.02 11.19 18.24
N CYS A 149 -0.38 10.03 18.24
CA CYS A 149 0.15 9.49 17.00
C CYS A 149 -0.93 9.19 15.97
N ASN A 150 -2.12 8.79 16.41
CA ASN A 150 -3.20 8.53 15.47
C ASN A 150 -3.81 9.83 14.97
N LEU A 151 -3.94 10.82 15.85
CA LEU A 151 -4.32 12.14 15.39
C LEU A 151 -3.31 12.66 14.35
N ALA A 152 -2.02 12.44 14.57
CA ALA A 152 -1.01 12.91 13.63
C ALA A 152 -1.21 12.26 12.27
N HIS A 153 -1.59 10.98 12.25
CA HIS A 153 -1.81 10.31 10.97
C HIS A 153 -3.08 10.82 10.30
N CYS A 154 -4.12 11.16 11.07
CA CYS A 154 -5.31 11.74 10.45
C CYS A 154 -4.97 13.06 9.79
N LEU A 155 -4.21 13.91 10.50
CA LEU A 155 -3.84 15.20 9.94
C LEU A 155 -2.99 15.00 8.68
N GLN A 156 -2.10 14.02 8.69
CA GLN A 156 -1.36 13.65 7.49
C GLN A 156 -2.30 13.29 6.34
N ILE A 157 -3.34 12.50 6.63
CA ILE A 157 -4.20 11.99 5.56
C ILE A 157 -4.90 13.13 4.84
N VAL A 158 -5.23 14.21 5.55
CA VAL A 158 -5.96 15.32 4.94
C VAL A 158 -5.07 16.51 4.66
N CYS A 159 -3.77 16.39 4.88
CA CYS A 159 -2.83 17.49 4.60
C CYS A 159 -3.14 18.70 5.49
N ASP A 160 -3.42 18.41 6.76
CA ASP A 160 -3.45 19.42 7.81
C ASP A 160 -2.04 19.54 8.38
N TRP A 161 -1.41 20.72 8.16
CA TRP A 161 -0.04 20.95 8.56
C TRP A 161 0.08 22.00 9.66
N THR A 162 -1.02 22.26 10.37
CA THR A 162 -0.97 23.15 11.53
C THR A 162 0.07 22.68 12.53
N ASP A 163 1.02 23.57 12.84
CA ASP A 163 2.11 23.28 13.79
C ASP A 163 2.93 22.08 13.34
N TYR A 164 2.98 21.85 12.03
CA TYR A 164 3.57 20.62 11.51
C TYR A 164 4.92 20.32 12.14
N ASP A 165 5.79 21.33 12.28
CA ASP A 165 7.14 21.07 12.77
C ASP A 165 7.14 20.60 14.22
N GLU A 166 6.30 21.19 15.07
CA GLU A 166 6.24 20.73 16.45
C GLU A 166 5.69 19.30 16.53
N ARG A 167 4.65 19.02 15.73
CA ARG A 167 4.09 17.67 15.66
C ARG A 167 5.17 16.64 15.36
N MET A 168 6.01 16.91 14.36
CA MET A 168 7.09 16.00 14.02
C MET A 168 8.02 15.78 15.21
N LYS A 169 8.44 16.88 15.86
CA LYS A 169 9.29 16.77 17.05
C LYS A 169 8.61 16.00 18.16
N LYS A 170 7.31 16.26 18.37
CA LYS A 170 6.55 15.53 19.37
C LYS A 170 6.52 14.03 19.06
N LEU A 171 6.26 13.66 17.79
CA LEU A 171 6.28 12.25 17.41
C LEU A 171 7.61 11.59 17.72
N VAL A 172 8.72 12.25 17.38
CA VAL A 172 10.02 11.65 17.64
C VAL A 172 10.23 11.44 19.13
N SER A 173 9.85 12.43 19.94
CA SER A 173 10.05 12.32 21.38
CA SER A 173 10.03 12.34 21.39
C SER A 173 9.22 11.19 21.97
N ILE A 174 7.92 11.13 21.61
CA ILE A 174 7.07 10.04 22.05
C ILE A 174 7.70 8.70 21.71
N VAL A 175 8.07 8.51 20.44
CA VAL A 175 8.70 7.26 20.03
C VAL A 175 9.97 7.00 20.84
N ALA A 176 10.80 8.04 21.00
CA ALA A 176 12.01 7.90 21.81
C ALA A 176 11.69 7.41 23.21
N ASP A 177 10.65 7.97 23.84
CA ASP A 177 10.32 7.59 25.21
C ASP A 177 9.80 6.16 25.28
N GLN A 178 8.96 5.76 24.32
CA GLN A 178 8.42 4.40 24.33
C GLN A 178 9.50 3.37 24.03
N LEU A 179 10.43 3.68 23.13
CA LEU A 179 11.48 2.73 22.80
C LEU A 179 12.42 2.51 23.97
N GLU A 180 12.72 3.58 24.72
CA GLU A 180 13.51 3.43 25.93
C GLU A 180 12.81 2.51 26.92
N LYS A 181 11.52 2.74 27.16
CA LYS A 181 10.72 1.94 28.09
C LYS A 181 10.27 0.60 27.49
N ASN A 182 10.81 0.20 26.35
CA ASN A 182 10.60 -1.11 25.73
C ASN A 182 9.13 -1.42 25.44
N ARG A 183 8.24 -0.43 25.49
CA ARG A 183 6.86 -0.59 25.08
C ARG A 183 6.73 -0.58 23.54
N LEU A 184 5.50 -0.88 23.08
CA LEU A 184 5.18 -0.90 21.65
C LEU A 184 4.84 0.49 21.14
N PRO A 185 5.68 1.07 20.28
CA PRO A 185 5.49 2.48 19.90
C PRO A 185 4.13 2.74 19.26
N SER A 186 3.58 3.93 19.53
CA SER A 186 2.30 4.38 18.99
C SER A 186 2.37 4.78 17.50
N VAL A 187 3.56 4.94 16.94
CA VAL A 187 3.70 5.13 15.51
C VAL A 187 3.76 3.74 14.88
N HIS A 188 2.82 3.46 14.00
CA HIS A 188 2.83 2.17 13.31
C HIS A 188 4.05 2.07 12.39
N PRO A 189 4.70 0.90 12.32
CA PRO A 189 5.89 0.79 11.45
C PRO A 189 5.61 1.11 9.99
N HIS A 190 4.40 0.84 9.51
CA HIS A 190 4.08 1.15 8.11
C HIS A 190 3.92 2.64 7.85
N HIS A 191 3.88 3.47 8.90
CA HIS A 191 3.77 4.92 8.77
C HIS A 191 5.08 5.64 9.06
N SER A 192 6.13 4.92 9.49
CA SER A 192 7.26 5.62 10.10
C SER A 192 8.17 6.29 9.08
N MET A 193 8.02 5.98 7.79
CA MET A 193 8.78 6.75 6.82
C MET A 193 8.22 8.15 6.64
N LEU A 194 7.00 8.42 7.11
CA LEU A 194 6.41 9.74 6.90
C LEU A 194 6.91 10.77 7.90
N TYR A 195 7.65 10.35 8.93
CA TYR A 195 8.06 11.22 10.00
C TYR A 195 9.57 11.22 10.12
N PRO A 196 10.15 12.28 10.59
CA PRO A 196 11.60 12.41 10.62
C PRO A 196 12.26 11.62 11.74
N LEU A 197 11.87 10.36 11.88
CA LEU A 197 12.55 9.45 12.79
C LEU A 197 13.86 9.02 12.21
N SER A 198 14.86 8.81 13.06
CA SER A 198 16.09 8.24 12.57
C SER A 198 15.83 6.84 12.01
N HIS A 199 16.76 6.37 11.19
CA HIS A 199 16.62 5.02 10.66
C HIS A 199 16.58 3.99 11.77
N GLY A 200 17.34 4.22 12.85
CA GLY A 200 17.36 3.26 13.95
C GLY A 200 16.04 3.19 14.68
N PHE A 201 15.35 4.33 14.81
CA PHE A 201 14.02 4.33 15.40
C PHE A 201 13.04 3.58 14.53
N ARG A 202 13.08 3.81 13.22
CA ARG A 202 12.21 3.07 12.32
C ARG A 202 12.51 1.58 12.36
N LYS A 203 13.79 1.21 12.41
CA LYS A 203 14.09 -0.20 12.54
C LYS A 203 13.61 -0.74 13.88
N ALA A 204 13.68 0.10 14.92
CA ALA A 204 13.28 -0.34 16.26
C ALA A 204 11.76 -0.50 16.36
N ILE A 205 11.01 0.42 15.76
CA ILE A 205 9.55 0.30 15.75
C ILE A 205 9.14 -1.02 15.12
N ALA A 206 9.75 -1.35 13.97
CA ALA A 206 9.45 -2.60 13.30
C ALA A 206 9.84 -3.78 14.18
N GLU A 207 11.01 -3.70 14.81
CA GLU A 207 11.45 -4.79 15.68
C GLU A 207 10.43 -5.02 16.81
N ARG A 208 9.91 -3.96 17.41
CA ARG A 208 8.94 -4.13 18.49
C ARG A 208 7.69 -4.87 18.02
N HIS A 209 7.31 -4.71 16.75
CA HIS A 209 6.12 -5.42 16.25
C HIS A 209 6.43 -6.87 15.92
N GLY A 210 7.62 -7.17 15.41
CA GLY A 210 8.00 -8.55 15.24
C GLY A 210 7.99 -9.31 16.56
N ASN A 211 8.35 -8.62 17.64
CA ASN A 211 8.40 -9.25 18.95
C ASN A 211 7.02 -9.66 19.44
N LEU A 212 6.03 -8.79 19.23
CA LEU A 212 4.63 -9.14 19.45
C LEU A 212 4.29 -10.50 18.87
N CYS A 213 4.72 -10.76 17.63
CA CYS A 213 4.44 -12.05 16.99
C CYS A 213 5.08 -13.21 17.75
N LEU A 214 6.34 -13.04 18.13
CA LEU A 214 7.05 -14.08 18.87
C LEU A 214 6.38 -14.38 20.21
N ASP A 215 5.87 -13.35 20.89
CA ASP A 215 5.17 -13.60 22.15
C ASP A 215 3.94 -14.46 21.93
N LYS A 216 3.24 -14.23 20.82
CA LYS A 216 1.99 -14.93 20.58
C LYS A 216 2.23 -16.39 20.20
N ILE A 217 3.38 -16.71 19.61
CA ILE A 217 3.63 -18.08 19.20
C ILE A 217 4.36 -18.88 20.26
N ASN A 218 5.09 -18.22 21.17
CA ASN A 218 5.74 -18.93 22.27
C ASN A 218 4.73 -19.69 23.11
N VAL A 219 3.53 -19.16 23.27
CA VAL A 219 2.47 -19.86 24.02
C VAL A 219 2.03 -21.13 23.29
N LEU A 220 2.62 -21.41 22.13
CA LEU A 220 2.35 -22.67 21.44
C LEU A 220 3.35 -23.76 21.79
N HIS A 221 4.53 -23.39 22.25
CA HIS A 221 5.57 -24.37 22.62
C HIS A 221 5.82 -25.32 21.47
N LYS A 222 5.95 -24.76 20.28
CA LYS A 222 6.35 -25.59 19.17
C LYS A 222 7.87 -25.73 19.17
N PRO A 223 8.38 -26.92 18.88
CA PRO A 223 9.82 -27.11 18.73
C PRO A 223 10.26 -26.59 17.38
N PRO A 224 11.54 -26.24 17.22
CA PRO A 224 12.00 -25.78 15.91
C PRO A 224 11.62 -26.81 14.85
N TYR A 225 11.33 -26.31 13.65
CA TYR A 225 11.17 -27.21 12.52
C TYR A 225 12.55 -27.60 12.03
N GLU A 226 12.66 -28.84 11.54
CA GLU A 226 13.87 -29.23 10.81
C GLU A 226 13.60 -29.05 9.33
N HIS A 227 14.46 -28.42 8.69
CA HIS A 227 14.30 -27.90 7.36
C HIS A 227 15.02 -28.77 6.34
N PRO A 228 14.51 -28.86 5.12
CA PRO A 228 15.26 -29.55 4.06
C PRO A 228 16.66 -28.97 3.91
N LYS A 229 17.63 -29.85 3.66
CA LYS A 229 19.00 -29.43 3.41
C LYS A 229 19.39 -29.59 1.95
N ASP A 230 18.53 -30.17 1.13
CA ASP A 230 18.79 -30.35 -0.29
C ASP A 230 17.45 -30.30 -1.03
N LEU A 231 17.50 -30.53 -2.34
CA LEU A 231 16.32 -30.53 -3.19
C LEU A 231 15.92 -31.94 -3.60
N LYS A 232 16.30 -32.94 -2.82
CA LYS A 232 16.12 -34.33 -3.25
C LYS A 232 14.67 -34.79 -3.14
N LEU A 233 13.97 -34.46 -2.05
CA LEU A 233 12.57 -34.87 -1.98
C LEU A 233 11.68 -34.12 -2.96
N SER A 234 12.16 -33.03 -3.54
CA SER A 234 11.38 -32.21 -4.47
C SER A 234 11.85 -32.35 -5.91
N ASP A 235 12.40 -33.51 -6.27
CA ASP A 235 12.82 -33.82 -7.65
C ASP A 235 13.77 -32.78 -8.21
N GLY A 236 14.60 -32.16 -7.38
CA GLY A 236 15.51 -31.16 -7.84
C GLY A 236 14.92 -29.77 -7.94
N ARG A 237 13.70 -29.57 -7.46
CA ARG A 237 13.01 -28.29 -7.56
C ARG A 237 13.08 -27.54 -6.24
N LEU A 238 13.26 -26.22 -6.34
CA LEU A 238 13.19 -25.34 -5.19
C LEU A 238 11.73 -25.02 -4.87
N ARG A 239 11.34 -25.22 -3.62
CA ARG A 239 9.95 -25.00 -3.21
C ARG A 239 9.84 -23.59 -2.65
N VAL A 240 9.09 -22.74 -3.35
CA VAL A 240 8.89 -21.34 -2.99
C VAL A 240 7.44 -21.16 -2.60
N GLY A 241 7.20 -20.62 -1.41
CA GLY A 241 5.86 -20.32 -0.95
C GLY A 241 5.63 -18.83 -0.76
N TYR A 242 4.63 -18.29 -1.45
CA TYR A 242 4.29 -16.87 -1.41
C TYR A 242 3.13 -16.67 -0.44
N VAL A 243 3.35 -15.91 0.63
CA VAL A 243 2.33 -15.72 1.65
C VAL A 243 1.80 -14.30 1.49
N SER A 244 0.49 -14.18 1.33
CA SER A 244 -0.08 -12.87 1.08
C SER A 244 -1.55 -12.86 1.50
N SER A 245 -1.99 -11.76 2.07
CA SER A 245 -3.41 -11.54 2.24
C SER A 245 -4.00 -10.76 1.08
N ASP A 246 -3.28 -10.67 -0.03
CA ASP A 246 -3.64 -9.76 -1.10
C ASP A 246 -3.79 -10.47 -2.44
N PHE A 247 -4.12 -11.77 -2.40
CA PHE A 247 -4.44 -12.52 -3.62
C PHE A 247 -5.91 -12.26 -3.93
N GLY A 248 -6.14 -11.24 -4.75
CA GLY A 248 -7.45 -10.71 -5.04
C GLY A 248 -7.33 -9.28 -5.52
N ASN A 249 -8.44 -8.56 -5.49
CA ASN A 249 -8.41 -7.17 -5.95
C ASN A 249 -7.63 -6.33 -4.95
N HIS A 250 -6.34 -6.12 -5.23
CA HIS A 250 -5.42 -5.36 -4.39
C HIS A 250 -4.21 -4.98 -5.21
N PRO A 251 -3.54 -3.86 -4.89
CA PRO A 251 -2.32 -3.49 -5.64
C PRO A 251 -1.29 -4.62 -5.74
N THR A 252 -1.12 -5.43 -4.69
CA THR A 252 -0.14 -6.52 -4.76
C THR A 252 -0.44 -7.46 -5.94
N SER A 253 -1.71 -7.84 -6.13
CA SER A 253 -2.04 -8.71 -7.26
C SER A 253 -1.90 -7.97 -8.58
N HIS A 254 -2.29 -6.69 -8.63
CA HIS A 254 -2.12 -5.85 -9.81
C HIS A 254 -0.65 -5.74 -10.24
N LEU A 255 0.29 -5.99 -9.34
CA LEU A 255 1.72 -5.98 -9.64
C LEU A 255 2.24 -7.37 -10.01
N MET A 256 1.94 -8.41 -9.22
CA MET A 256 2.68 -9.67 -9.38
C MET A 256 1.82 -10.86 -9.77
N GLN A 257 0.57 -10.66 -10.20
CA GLN A 257 -0.31 -11.81 -10.43
C GLN A 257 0.21 -12.77 -11.52
N SER A 258 1.02 -12.28 -12.47
CA SER A 258 1.53 -13.15 -13.53
C SER A 258 2.75 -13.96 -13.11
N ILE A 259 3.38 -13.61 -11.99
CA ILE A 259 4.68 -14.17 -11.64
C ILE A 259 4.57 -15.66 -11.25
N PRO A 260 3.61 -16.10 -10.43
CA PRO A 260 3.52 -17.55 -10.14
C PRO A 260 3.49 -18.43 -11.39
N GLY A 261 2.61 -18.12 -12.35
CA GLY A 261 2.50 -18.93 -13.55
C GLY A 261 3.68 -18.85 -14.51
N MET A 262 4.58 -17.90 -14.30
CA MET A 262 5.78 -17.74 -15.13
C MET A 262 7.00 -18.43 -14.56
N HIS A 263 6.88 -19.04 -13.39
CA HIS A 263 7.98 -19.82 -12.82
C HIS A 263 8.27 -21.06 -13.68
N ASN A 264 9.54 -21.47 -13.69
CA ASN A 264 9.96 -22.61 -14.50
C ASN A 264 9.68 -23.92 -13.75
N PRO A 265 8.71 -24.72 -14.23
CA PRO A 265 8.34 -25.93 -13.48
C PRO A 265 9.44 -26.97 -13.36
N ASP A 266 10.50 -26.89 -14.18
CA ASP A 266 11.60 -27.84 -14.09
C ASP A 266 12.48 -27.56 -12.89
N LYS A 267 12.57 -26.31 -12.45
CA LYS A 267 13.45 -25.95 -11.35
C LYS A 267 12.73 -25.44 -10.12
N PHE A 268 11.46 -25.07 -10.24
CA PHE A 268 10.76 -24.43 -9.14
C PHE A 268 9.37 -25.02 -9.00
N GLU A 269 8.92 -25.08 -7.75
CA GLU A 269 7.58 -25.52 -7.43
C GLU A 269 6.96 -24.43 -6.59
N VAL A 270 5.86 -23.85 -7.06
CA VAL A 270 5.31 -22.64 -6.49
C VAL A 270 4.06 -22.98 -5.69
N PHE A 271 4.07 -22.57 -4.41
CA PHE A 271 2.96 -22.69 -3.48
C PHE A 271 2.50 -21.28 -3.12
N CYS A 272 1.21 -21.01 -3.25
CA CYS A 272 0.65 -19.71 -2.86
C CYS A 272 -0.24 -19.92 -1.64
N TYR A 273 0.15 -19.30 -0.52
CA TYR A 273 -0.59 -19.36 0.73
C TYR A 273 -1.35 -18.04 0.88
N ALA A 274 -2.63 -18.07 0.54
CA ALA A 274 -3.52 -16.92 0.74
C ALA A 274 -3.90 -16.80 2.21
N LEU A 275 -3.76 -15.61 2.76
CA LEU A 275 -4.25 -15.31 4.10
C LEU A 275 -5.64 -14.70 4.09
N SER A 276 -6.22 -14.45 2.93
CA SER A 276 -7.56 -13.89 2.82
C SER A 276 -8.46 -14.90 2.12
N PRO A 277 -9.77 -14.82 2.35
CA PRO A 277 -10.69 -15.66 1.59
C PRO A 277 -10.86 -15.15 0.16
N ASP A 278 -11.29 -16.05 -0.71
CA ASP A 278 -11.56 -15.75 -2.11
C ASP A 278 -12.57 -14.59 -2.26
N ASP A 279 -12.13 -13.49 -2.88
CA ASP A 279 -13.02 -12.34 -3.07
C ASP A 279 -13.77 -12.38 -4.41
N GLY A 280 -13.68 -13.46 -5.17
CA GLY A 280 -14.43 -13.58 -6.39
C GLY A 280 -13.84 -12.94 -7.62
N THR A 281 -12.70 -12.25 -7.52
CA THR A 281 -12.21 -11.49 -8.66
C THR A 281 -11.27 -12.32 -9.52
N ASN A 282 -11.08 -11.85 -10.77
CA ASN A 282 -10.17 -12.56 -11.67
C ASN A 282 -8.74 -12.55 -11.15
N PHE A 283 -8.39 -11.60 -10.30
CA PHE A 283 -7.06 -11.64 -9.73
C PHE A 283 -6.84 -12.92 -8.94
N ARG A 284 -7.82 -13.30 -8.11
CA ARG A 284 -7.71 -14.51 -7.30
C ARG A 284 -7.81 -15.75 -8.17
N VAL A 285 -8.70 -15.74 -9.16
CA VAL A 285 -8.79 -16.87 -10.09
C VAL A 285 -7.43 -17.17 -10.73
N LYS A 286 -6.76 -16.12 -11.22
CA LYS A 286 -5.51 -16.31 -11.97
C LYS A 286 -4.45 -16.96 -11.11
N VAL A 287 -4.24 -16.44 -9.90
CA VAL A 287 -3.21 -16.98 -9.02
C VAL A 287 -3.55 -18.41 -8.61
N MET A 288 -4.81 -18.66 -8.27
CA MET A 288 -5.23 -20.02 -7.96
C MET A 288 -4.98 -20.96 -9.13
N ALA A 289 -5.28 -20.50 -10.35
CA ALA A 289 -5.17 -21.37 -11.52
C ALA A 289 -3.73 -21.60 -11.96
N GLU A 290 -2.80 -20.72 -11.63
CA GLU A 290 -1.48 -20.80 -12.24
C GLU A 290 -0.36 -21.18 -11.29
N ALA A 291 -0.56 -21.06 -9.98
CA ALA A 291 0.41 -21.62 -9.05
C ALA A 291 0.36 -23.13 -9.14
N ASN A 292 1.46 -23.79 -8.80
CA ASN A 292 1.41 -25.24 -8.71
C ASN A 292 0.42 -25.68 -7.64
N HIS A 293 0.50 -25.05 -6.48
CA HIS A 293 -0.36 -25.36 -5.35
C HIS A 293 -0.86 -24.05 -4.78
N PHE A 294 -2.18 -23.98 -4.53
CA PHE A 294 -2.80 -22.83 -3.88
C PHE A 294 -3.46 -23.30 -2.59
N ILE A 295 -3.04 -22.73 -1.46
CA ILE A 295 -3.52 -23.12 -0.14
C ILE A 295 -4.22 -21.92 0.49
N ASP A 296 -5.47 -22.11 0.91
CA ASP A 296 -6.26 -21.03 1.50
C ASP A 296 -6.12 -21.09 3.02
N LEU A 297 -5.08 -20.43 3.54
CA LEU A 297 -4.87 -20.41 4.99
C LEU A 297 -5.87 -19.55 5.73
N SER A 298 -6.73 -18.80 5.05
CA SER A 298 -7.80 -18.14 5.79
C SER A 298 -8.73 -19.15 6.43
N GLN A 299 -8.79 -20.37 5.87
CA GLN A 299 -9.58 -21.46 6.44
C GLN A 299 -8.93 -22.07 7.69
N ILE A 300 -7.71 -21.67 8.00
CA ILE A 300 -6.86 -22.28 9.02
C ILE A 300 -6.40 -21.18 9.96
N PRO A 301 -7.28 -20.62 10.80
CA PRO A 301 -6.89 -19.43 11.58
C PRO A 301 -5.79 -19.69 12.61
N CYS A 302 -5.63 -20.91 13.11
CA CYS A 302 -4.58 -21.17 14.09
C CYS A 302 -3.21 -21.18 13.40
N ASN A 303 -2.31 -20.31 13.89
CA ASN A 303 -0.99 -20.17 13.27
C ASN A 303 -0.12 -21.40 13.47
N GLY A 304 -0.35 -22.17 14.52
CA GLY A 304 0.42 -23.39 14.71
C GLY A 304 0.17 -24.41 13.62
N LYS A 305 -1.11 -24.66 13.29
CA LYS A 305 -1.43 -25.55 12.19
C LYS A 305 -0.94 -24.99 10.87
N ALA A 306 -1.25 -23.71 10.62
CA ALA A 306 -0.88 -23.08 9.35
C ALA A 306 0.62 -23.23 9.09
N ALA A 307 1.45 -22.92 10.09
CA ALA A 307 2.89 -23.13 9.91
C ALA A 307 3.22 -24.61 9.74
N ASP A 308 2.54 -25.49 10.46
CA ASP A 308 2.64 -26.91 10.14
C ASP A 308 2.35 -27.12 8.66
N ARG A 309 1.16 -26.71 8.22
CA ARG A 309 0.76 -26.89 6.82
C ARG A 309 1.84 -26.43 5.85
N ILE A 310 2.48 -25.28 6.13
CA ILE A 310 3.59 -24.82 5.29
C ILE A 310 4.75 -25.79 5.37
N HIS A 311 5.15 -26.16 6.60
CA HIS A 311 6.36 -26.97 6.76
C HIS A 311 6.22 -28.33 6.07
N GLN A 312 4.99 -28.86 6.00
CA GLN A 312 4.78 -30.16 5.38
C GLN A 312 4.97 -30.09 3.88
N ASP A 313 4.55 -28.99 3.27
CA ASP A 313 4.77 -28.79 1.86
C ASP A 313 6.25 -28.79 1.52
N GLY A 314 7.11 -28.61 2.52
CA GLY A 314 8.53 -28.67 2.25
C GLY A 314 9.14 -27.42 1.69
N ILE A 315 8.59 -26.25 2.02
CA ILE A 315 9.07 -24.97 1.48
C ILE A 315 10.53 -24.76 1.83
N HIS A 316 11.33 -24.40 0.83
CA HIS A 316 12.71 -23.94 1.03
C HIS A 316 12.78 -22.43 1.27
N ILE A 317 12.02 -21.62 0.52
CA ILE A 317 11.99 -20.17 0.68
C ILE A 317 10.55 -19.73 0.90
N LEU A 318 10.30 -19.07 2.03
CA LEU A 318 8.97 -18.54 2.37
C LEU A 318 9.01 -17.02 2.23
N VAL A 319 8.15 -16.50 1.37
CA VAL A 319 8.17 -15.10 0.96
C VAL A 319 7.06 -14.37 1.68
N ASN A 320 7.44 -13.43 2.55
CA ASN A 320 6.49 -12.61 3.27
C ASN A 320 6.13 -11.39 2.41
N MET A 321 4.92 -11.39 1.88
CA MET A 321 4.49 -10.31 0.99
C MET A 321 3.70 -9.24 1.70
N ASN A 322 3.60 -9.30 3.04
CA ASN A 322 2.78 -8.34 3.76
C ASN A 322 3.56 -7.44 4.71
N GLY A 323 4.56 -7.98 5.42
CA GLY A 323 5.09 -7.22 6.54
C GLY A 323 3.95 -6.80 7.46
N TYR A 324 4.01 -5.57 7.92
CA TYR A 324 3.00 -5.08 8.86
C TYR A 324 1.87 -4.36 8.11
N THR A 325 1.15 -5.11 7.28
CA THR A 325 -0.01 -4.57 6.56
C THR A 325 -1.24 -5.39 6.90
N LYS A 326 -2.41 -4.84 6.51
CA LYS A 326 -3.68 -5.46 6.84
C LYS A 326 -3.74 -6.91 6.36
N GLY A 327 -4.19 -7.81 7.24
CA GLY A 327 -4.24 -9.22 6.92
C GLY A 327 -2.98 -10.01 7.20
N ALA A 328 -1.86 -9.35 7.51
CA ALA A 328 -0.62 -10.08 7.77
C ALA A 328 -0.83 -11.15 8.83
N ARG A 329 -0.07 -12.23 8.74
CA ARG A 329 -0.01 -13.24 9.80
C ARG A 329 1.46 -13.60 9.98
N ASN A 330 2.23 -12.67 10.53
CA ASN A 330 3.66 -12.86 10.65
C ASN A 330 4.05 -13.85 11.73
N GLU A 331 3.11 -14.25 12.60
CA GLU A 331 3.36 -15.41 13.44
C GLU A 331 3.86 -16.58 12.60
N LEU A 332 3.32 -16.74 11.39
CA LEU A 332 3.73 -17.85 10.54
C LEU A 332 5.23 -17.83 10.33
N PHE A 333 5.82 -16.65 10.08
CA PHE A 333 7.25 -16.54 9.88
C PHE A 333 8.01 -16.62 11.19
N ALA A 334 7.43 -16.08 12.28
CA ALA A 334 8.04 -16.19 13.59
C ALA A 334 8.28 -17.65 13.98
N LEU A 335 7.42 -18.56 13.50
CA LEU A 335 7.58 -19.99 13.70
C LEU A 335 8.62 -20.63 12.79
N ARG A 336 9.21 -19.85 11.87
CA ARG A 336 10.23 -20.30 10.92
C ARG A 336 9.97 -21.71 10.36
N PRO A 337 8.83 -21.94 9.69
CA PRO A 337 8.61 -23.25 9.05
C PRO A 337 9.56 -23.52 7.89
N ALA A 338 10.34 -22.54 7.46
CA ALA A 338 11.17 -22.69 6.27
C ALA A 338 12.57 -22.19 6.57
N PRO A 339 13.58 -22.81 5.94
CA PRO A 339 14.97 -22.41 6.23
C PRO A 339 15.32 -21.03 5.74
N ILE A 340 14.66 -20.52 4.71
CA ILE A 340 14.92 -19.19 4.18
C ILE A 340 13.61 -18.44 4.09
N GLN A 341 13.55 -17.27 4.72
CA GLN A 341 12.36 -16.45 4.76
C GLN A 341 12.75 -15.04 4.33
N ALA A 342 12.11 -14.53 3.28
CA ALA A 342 12.48 -13.25 2.68
C ALA A 342 11.27 -12.34 2.52
N MET A 343 11.49 -11.06 2.80
CA MET A 343 10.52 -10.01 2.51
C MET A 343 10.58 -9.68 1.03
N TRP A 344 9.42 -9.66 0.37
CA TRP A 344 9.45 -9.39 -1.05
C TRP A 344 8.85 -8.01 -1.30
N LEU A 345 7.60 -7.89 -1.73
CA LEU A 345 7.27 -6.69 -2.50
C LEU A 345 6.18 -5.81 -1.91
N GLY A 346 5.34 -6.34 -1.02
CA GLY A 346 4.23 -5.55 -0.51
C GLY A 346 4.58 -4.60 0.59
N TYR A 347 5.65 -4.86 1.34
CA TYR A 347 6.03 -4.02 2.47
C TYR A 347 7.25 -3.18 2.14
N PRO A 348 7.11 -1.85 1.95
CA PRO A 348 8.23 -0.94 1.65
C PRO A 348 8.98 -0.47 2.90
N GLY A 349 9.51 -1.42 3.66
CA GLY A 349 10.31 -1.08 4.83
C GLY A 349 10.91 -2.33 5.42
N THR A 350 11.75 -2.16 6.42
CA THR A 350 12.27 -3.33 7.11
C THR A 350 11.22 -3.87 8.06
N SER A 351 11.26 -5.19 8.27
CA SER A 351 10.45 -5.80 9.31
C SER A 351 11.08 -5.69 10.67
N GLY A 352 12.40 -5.42 10.73
CA GLY A 352 13.13 -5.40 11.98
C GLY A 352 13.12 -6.70 12.73
N ALA A 353 12.70 -7.79 12.11
CA ALA A 353 12.44 -9.05 12.80
C ALA A 353 13.51 -10.07 12.46
N LEU A 354 14.01 -10.77 13.48
CA LEU A 354 15.08 -11.73 13.26
C LEU A 354 14.63 -12.99 12.57
N PHE A 355 13.32 -13.24 12.46
CA PHE A 355 12.86 -14.39 11.70
C PHE A 355 12.78 -14.10 10.21
N MET A 356 13.04 -12.87 9.77
CA MET A 356 13.13 -12.56 8.36
C MET A 356 14.61 -12.50 7.97
N ASP A 357 15.01 -13.33 7.00
CA ASP A 357 16.41 -13.42 6.62
C ASP A 357 16.84 -12.37 5.61
N TYR A 358 15.98 -12.09 4.63
CA TYR A 358 16.34 -11.27 3.48
C TYR A 358 15.22 -10.28 3.20
N ILE A 359 15.60 -9.18 2.56
CA ILE A 359 14.65 -8.27 1.92
C ILE A 359 15.05 -8.18 0.45
N ILE A 360 14.15 -8.57 -0.43
CA ILE A 360 14.39 -8.51 -1.86
C ILE A 360 14.22 -7.07 -2.30
N THR A 361 15.32 -6.43 -2.67
CA THR A 361 15.30 -5.03 -3.06
C THR A 361 16.24 -4.88 -4.24
N ASP A 362 16.93 -3.75 -4.36
CA ASP A 362 17.91 -3.59 -5.42
C ASP A 362 18.88 -2.48 -5.04
N GLN A 363 19.91 -2.32 -5.88
CA GLN A 363 21.00 -1.39 -5.59
C GLN A 363 20.52 0.04 -5.47
N GLU A 364 19.53 0.45 -6.28
CA GLU A 364 19.05 1.83 -6.29
C GLU A 364 18.11 2.12 -5.12
N THR A 365 17.22 1.17 -4.82
CA THR A 365 16.30 1.32 -3.71
C THR A 365 17.04 1.27 -2.38
N SER A 366 17.97 0.32 -2.25
CA SER A 366 18.64 0.07 -0.98
C SER A 366 20.14 -0.06 -1.21
N PRO A 367 20.82 1.07 -1.43
CA PRO A 367 22.28 1.02 -1.61
C PRO A 367 22.97 0.53 -0.35
N ALA A 368 24.00 -0.31 -0.53
CA ALA A 368 24.66 -0.97 0.60
C ALA A 368 25.08 0.03 1.68
N GLU A 369 25.55 1.20 1.27
CA GLU A 369 25.89 2.27 2.20
C GLU A 369 24.82 2.43 3.26
N VAL A 370 23.58 2.10 2.93
CA VAL A 370 22.43 2.39 3.76
C VAL A 370 21.84 1.12 4.38
N ALA A 371 22.58 0.01 4.34
CA ALA A 371 22.11 -1.28 4.82
C ALA A 371 21.69 -1.25 6.30
N GLU A 372 22.06 -0.20 7.03
CA GLU A 372 21.77 -0.17 8.47
C GLU A 372 20.31 0.08 8.77
N GLN A 373 19.57 0.63 7.81
CA GLN A 373 18.15 0.81 7.98
C GLN A 373 17.40 -0.50 8.12
N TYR A 374 17.98 -1.61 7.65
CA TYR A 374 17.30 -2.90 7.58
C TYR A 374 17.88 -3.88 8.58
N SER A 375 17.01 -4.67 9.20
CA SER A 375 17.43 -5.80 10.00
C SER A 375 17.84 -6.97 9.12
N GLU A 376 17.28 -7.05 7.91
CA GLU A 376 17.48 -8.16 6.99
C GLU A 376 18.74 -7.94 6.15
N LYS A 377 19.29 -9.05 5.65
CA LYS A 377 20.34 -8.97 4.65
C LYS A 377 19.72 -8.55 3.32
N LEU A 378 20.47 -7.76 2.55
CA LEU A 378 19.99 -7.27 1.26
C LEU A 378 20.09 -8.37 0.22
N ALA A 379 19.05 -8.48 -0.60
CA ALA A 379 19.00 -9.44 -1.71
C ALA A 379 18.65 -8.64 -2.97
N TYR A 380 19.67 -8.33 -3.76
CA TYR A 380 19.51 -7.44 -4.92
C TYR A 380 18.94 -8.19 -6.13
N MET A 381 17.80 -7.70 -6.63
CA MET A 381 17.43 -7.95 -8.01
C MET A 381 18.34 -7.13 -8.93
N PRO A 382 18.54 -7.58 -10.17
CA PRO A 382 19.55 -6.91 -11.02
C PRO A 382 19.16 -5.51 -11.45
N HIS A 383 17.87 -5.19 -11.60
CA HIS A 383 17.50 -3.85 -12.03
C HIS A 383 16.70 -3.14 -10.95
N THR A 384 15.39 -3.26 -10.98
CA THR A 384 14.57 -2.85 -9.86
C THR A 384 13.84 -4.08 -9.33
N PHE A 385 13.65 -4.12 -8.02
CA PHE A 385 12.81 -5.15 -7.43
C PHE A 385 11.33 -4.90 -7.71
N PHE A 386 10.95 -3.67 -8.08
CA PHE A 386 9.55 -3.39 -8.32
C PHE A 386 9.11 -4.02 -9.65
N ILE A 387 7.82 -4.37 -9.73
CA ILE A 387 7.27 -4.97 -10.93
C ILE A 387 5.82 -4.54 -11.06
N GLY A 388 5.26 -4.72 -12.24
CA GLY A 388 3.87 -4.39 -12.48
C GLY A 388 3.31 -5.28 -13.57
N ASP A 389 2.02 -5.62 -13.46
CA ASP A 389 1.36 -6.49 -14.43
C ASP A 389 0.68 -5.71 -15.54
N HIS A 390 1.13 -4.48 -15.79
CA HIS A 390 0.43 -3.61 -16.73
C HIS A 390 0.45 -4.16 -18.15
N ALA A 391 1.54 -4.81 -18.55
CA ALA A 391 1.59 -5.32 -19.92
C ALA A 391 0.48 -6.34 -20.14
N ASN A 392 0.15 -7.11 -19.11
CA ASN A 392 -0.95 -8.07 -19.17
C ASN A 392 -2.30 -7.42 -18.89
N MET A 393 -2.39 -6.52 -17.91
CA MET A 393 -3.72 -5.99 -17.59
C MET A 393 -4.18 -4.95 -18.59
N PHE A 394 -3.25 -4.14 -19.13
CA PHE A 394 -3.61 -2.94 -19.89
C PHE A 394 -2.92 -2.92 -21.26
N PRO A 395 -3.04 -4.01 -22.02
CA PRO A 395 -2.36 -4.04 -23.33
C PRO A 395 -2.99 -3.07 -24.31
N HIS A 396 -4.28 -2.73 -24.15
CA HIS A 396 -4.90 -1.72 -24.99
C HIS A 396 -4.19 -0.36 -24.90
N LEU A 397 -3.31 -0.17 -23.92
CA LEU A 397 -2.56 1.08 -23.77
C LEU A 397 -1.17 1.00 -24.38
N LYS A 398 -0.78 -0.14 -24.97
CA LYS A 398 0.52 -0.20 -25.64
C LYS A 398 0.60 0.78 -26.79
N LYS A 399 -0.50 1.01 -27.50
CA LYS A 399 -0.56 1.95 -28.60
C LYS A 399 -1.67 2.96 -28.36
N LYS A 400 -1.53 4.15 -28.94
CA LYS A 400 -2.57 5.17 -28.92
C LYS A 400 -2.65 5.87 -30.25
N ALA A 401 -3.76 6.57 -30.46
CA ALA A 401 -3.90 7.51 -31.56
C ALA A 401 -4.48 8.80 -31.01
N VAL A 402 -4.25 9.90 -31.70
CA VAL A 402 -4.80 11.18 -31.26
C VAL A 402 -5.70 11.76 -32.36
N ILE A 403 -6.42 12.81 -32.00
CA ILE A 403 -7.27 13.57 -32.91
C ILE A 403 -6.68 14.98 -33.03
N ASP A 404 -6.57 15.47 -34.27
CA ASP A 404 -6.01 16.80 -34.55
C ASP A 404 -7.15 17.82 -34.66
N PHE A 405 -7.60 18.29 -33.51
CA PHE A 405 -8.80 19.12 -33.41
C PHE A 405 -8.53 20.61 -33.72
N HIS A 410 0.33 22.31 -33.56
CA HIS A 410 -0.98 21.82 -33.98
C HIS A 410 -1.29 20.40 -33.47
N ILE A 411 -0.30 19.52 -33.33
CA ILE A 411 -0.56 18.11 -33.03
C ILE A 411 -0.04 17.78 -31.63
N TYR A 412 -0.97 17.50 -30.71
CA TYR A 412 -0.69 17.10 -29.33
C TYR A 412 -0.82 15.60 -29.16
N ASP A 413 0.01 15.03 -28.29
CA ASP A 413 -0.08 13.60 -28.00
C ASP A 413 -0.92 13.29 -26.76
N ASN A 414 -1.55 14.30 -26.14
CA ASN A 414 -2.19 14.07 -24.85
C ASN A 414 -3.39 14.98 -24.62
N ARG A 415 -4.06 15.40 -25.68
CA ARG A 415 -5.29 16.17 -25.53
C ARG A 415 -6.53 15.34 -25.80
N ILE A 416 -6.53 14.58 -26.89
CA ILE A 416 -7.63 13.69 -27.25
C ILE A 416 -6.98 12.39 -27.71
N VAL A 417 -7.14 11.34 -26.92
CA VAL A 417 -6.42 10.09 -27.10
C VAL A 417 -7.44 8.99 -27.35
N LEU A 418 -7.02 8.02 -28.14
CA LEU A 418 -7.79 6.80 -28.32
C LEU A 418 -6.90 5.61 -28.03
N ASN A 419 -7.49 4.60 -27.39
CA ASN A 419 -6.82 3.34 -27.13
C ASN A 419 -7.78 2.20 -27.45
N GLY A 420 -7.23 1.08 -27.89
CA GLY A 420 -8.07 -0.06 -28.12
C GLY A 420 -7.29 -1.23 -28.65
N ILE A 421 -7.73 -2.44 -28.30
CA ILE A 421 -7.13 -3.64 -28.87
C ILE A 421 -7.35 -3.67 -30.37
N ASP A 422 -8.46 -3.11 -30.82
CA ASP A 422 -8.80 -3.06 -32.23
C ASP A 422 -8.52 -1.71 -32.86
N LEU A 423 -7.67 -0.88 -32.23
CA LEU A 423 -7.47 0.46 -32.73
C LEU A 423 -6.98 0.46 -34.17
N LYS A 424 -6.06 -0.45 -34.49
CA LYS A 424 -5.47 -0.42 -35.83
C LYS A 424 -6.53 -0.65 -36.91
N ALA A 425 -7.43 -1.60 -36.69
CA ALA A 425 -8.48 -1.85 -37.67
C ALA A 425 -9.37 -0.64 -37.86
N PHE A 426 -9.73 0.03 -36.75
CA PHE A 426 -10.52 1.25 -36.83
C PHE A 426 -9.80 2.33 -37.63
N LEU A 427 -8.51 2.55 -37.32
CA LEU A 427 -7.73 3.50 -38.10
C LEU A 427 -7.73 3.11 -39.58
N ASP A 428 -7.48 1.84 -39.88
CA ASP A 428 -7.48 1.44 -41.30
C ASP A 428 -8.83 1.65 -41.96
N SER A 429 -9.90 1.83 -41.20
CA SER A 429 -11.19 2.08 -41.82
C SER A 429 -11.43 3.56 -42.11
N LEU A 430 -10.52 4.42 -41.71
CA LEU A 430 -10.67 5.85 -41.88
C LEU A 430 -9.98 6.33 -43.16
N PRO A 431 -10.52 7.39 -43.78
CA PRO A 431 -10.03 7.82 -45.10
C PRO A 431 -8.65 8.44 -44.98
N ASP A 432 -8.55 9.47 -44.15
CA ASP A 432 -7.32 10.22 -43.98
C ASP A 432 -6.80 9.97 -42.58
N VAL A 433 -5.59 9.45 -42.49
CA VAL A 433 -4.89 9.29 -41.22
C VAL A 433 -3.42 9.52 -41.51
N LYS A 434 -2.77 10.34 -40.68
CA LYS A 434 -1.34 10.62 -40.86
C LYS A 434 -0.57 10.10 -39.65
N ILE A 435 0.64 9.61 -39.90
CA ILE A 435 1.51 9.08 -38.88
C ILE A 435 2.52 10.15 -38.51
N VAL A 436 3.00 10.11 -37.26
CA VAL A 436 4.08 11.01 -36.86
C VAL A 436 5.01 10.30 -35.86
N ASN A 455 5.81 5.97 -33.51
CA ASN A 455 4.90 6.43 -34.56
C ASN A 455 3.50 6.63 -33.99
N MET A 456 2.90 7.80 -34.21
CA MET A 456 1.60 8.09 -33.62
C MET A 456 0.56 8.45 -34.68
N PRO A 457 -0.42 7.59 -34.91
CA PRO A 457 -1.47 7.92 -35.88
C PRO A 457 -2.25 9.15 -35.43
N VAL A 458 -2.57 10.01 -36.41
CA VAL A 458 -3.33 11.22 -36.16
C VAL A 458 -4.57 11.21 -37.04
N ILE A 459 -5.72 11.40 -36.42
CA ILE A 459 -6.99 11.48 -37.14
C ILE A 459 -7.31 12.93 -37.42
N PRO A 460 -7.55 13.29 -38.68
CA PRO A 460 -7.89 14.68 -39.00
C PRO A 460 -9.31 15.01 -38.56
N MET A 461 -9.54 16.31 -38.40
CA MET A 461 -10.83 16.80 -37.95
C MET A 461 -11.91 16.67 -39.01
N ASN A 462 -12.35 15.45 -39.32
CA ASN A 462 -13.40 15.27 -40.31
C ASN A 462 -14.75 15.12 -39.60
N THR A 463 -15.72 14.52 -40.30
CA THR A 463 -17.01 14.24 -39.68
C THR A 463 -16.85 13.26 -38.53
N ILE A 464 -16.06 12.19 -38.76
CA ILE A 464 -15.77 11.21 -37.72
C ILE A 464 -15.25 11.91 -36.47
N ALA A 465 -14.19 12.72 -36.63
CA ALA A 465 -13.56 13.36 -35.48
C ALA A 465 -14.53 14.25 -34.72
N GLU A 466 -15.55 14.78 -35.37
CA GLU A 466 -16.49 15.63 -34.66
C GLU A 466 -17.51 14.82 -33.87
N ALA A 467 -17.85 13.62 -34.36
CA ALA A 467 -18.77 12.76 -33.62
C ALA A 467 -18.17 12.33 -32.29
N VAL A 468 -16.87 11.98 -32.30
CA VAL A 468 -16.19 11.61 -31.06
C VAL A 468 -16.28 12.76 -30.06
N ILE A 469 -15.86 13.95 -30.50
CA ILE A 469 -15.87 15.10 -29.62
C ILE A 469 -17.28 15.44 -29.19
N GLU A 470 -18.24 15.16 -30.08
CA GLU A 470 -19.68 15.40 -29.78
C GLU A 470 -20.09 14.51 -28.61
N MET A 471 -19.73 13.22 -28.65
CA MET A 471 -20.04 12.27 -27.59
C MET A 471 -19.45 12.72 -26.26
N ILE A 472 -18.17 13.12 -26.28
CA ILE A 472 -17.52 13.61 -25.08
C ILE A 472 -18.26 14.81 -24.51
N ASN A 473 -18.43 15.86 -25.33
CA ASN A 473 -19.11 17.07 -24.87
C ASN A 473 -20.49 16.78 -24.32
N ARG A 474 -21.22 15.90 -25.00
CA ARG A 474 -22.64 15.56 -24.64
C ARG A 474 -22.73 14.56 -23.49
N GLY A 475 -21.61 14.08 -22.93
CA GLY A 475 -21.69 13.13 -21.85
C GLY A 475 -22.28 11.81 -22.25
N GLN A 476 -22.33 11.50 -23.55
CA GLN A 476 -22.86 10.24 -24.01
C GLN A 476 -21.90 9.09 -23.71
N ILE A 477 -22.45 7.90 -23.61
CA ILE A 477 -21.69 6.77 -23.10
C ILE A 477 -20.86 6.12 -24.19
N GLN A 478 -21.35 6.09 -25.43
CA GLN A 478 -20.71 5.36 -26.51
C GLN A 478 -21.36 5.73 -27.81
N ILE A 479 -20.66 5.46 -28.92
CA ILE A 479 -21.19 5.63 -30.26
C ILE A 479 -20.56 4.55 -31.15
N THR A 480 -21.03 4.48 -32.39
CA THR A 480 -20.52 3.55 -33.38
C THR A 480 -20.00 4.31 -34.58
N ILE A 481 -18.79 4.01 -35.00
CA ILE A 481 -18.21 4.58 -36.20
C ILE A 481 -17.64 3.43 -37.03
N ASN A 482 -18.14 3.28 -38.25
CA ASN A 482 -17.71 2.22 -39.15
C ASN A 482 -17.88 0.84 -38.52
N GLY A 483 -18.89 0.68 -37.68
CA GLY A 483 -19.13 -0.56 -36.96
C GLY A 483 -18.33 -0.73 -35.69
N PHE A 484 -17.32 0.10 -35.45
CA PHE A 484 -16.52 -0.02 -34.23
C PHE A 484 -17.24 0.65 -33.06
N SER A 485 -17.07 0.07 -31.86
CA SER A 485 -17.65 0.63 -30.65
C SER A 485 -16.70 1.65 -30.04
N ILE A 486 -17.17 2.89 -29.93
CA ILE A 486 -16.37 3.99 -29.41
C ILE A 486 -16.94 4.34 -28.05
N SER A 487 -16.15 4.17 -27.01
CA SER A 487 -16.61 4.31 -25.65
C SER A 487 -16.04 5.57 -25.02
N ASN A 488 -16.89 6.26 -24.26
CA ASN A 488 -16.46 7.40 -23.45
C ASN A 488 -15.68 6.87 -22.24
N GLY A 489 -14.40 7.25 -22.14
CA GLY A 489 -13.55 6.80 -21.05
C GLY A 489 -14.09 7.01 -19.64
N LEU A 490 -15.11 7.87 -19.49
CA LEU A 490 -15.76 8.10 -18.19
C LEU A 490 -16.88 7.11 -17.89
N ALA A 491 -17.35 6.33 -18.88
CA ALA A 491 -18.50 5.43 -18.70
C ALA A 491 -18.06 3.98 -18.60
N THR A 492 -16.83 3.77 -18.15
CA THR A 492 -16.22 2.44 -18.19
C THR A 492 -16.99 1.41 -17.33
N THR A 493 -17.43 1.79 -16.12
CA THR A 493 -18.11 0.80 -15.28
C THR A 493 -19.53 0.49 -15.78
N GLN A 494 -20.12 1.35 -16.61
CA GLN A 494 -21.38 1.01 -17.25
C GLN A 494 -21.20 0.15 -18.51
N ILE A 495 -20.06 0.28 -19.20
CA ILE A 495 -19.91 -0.51 -20.42
C ILE A 495 -19.45 -1.93 -20.11
N ASN A 496 -18.55 -2.07 -19.14
CA ASN A 496 -17.97 -3.37 -18.77
C ASN A 496 -17.24 -3.20 -17.45
N ASN A 497 -17.89 -3.55 -16.33
CA ASN A 497 -17.28 -3.23 -15.05
C ASN A 497 -16.01 -4.03 -14.80
N LYS A 498 -15.93 -5.27 -15.29
CA LYS A 498 -14.69 -6.04 -15.12
C LYS A 498 -13.52 -5.40 -15.89
N ALA A 499 -13.78 -4.76 -17.03
CA ALA A 499 -12.70 -4.04 -17.69
C ALA A 499 -12.34 -2.77 -16.92
N ALA A 500 -13.30 -2.17 -16.24
CA ALA A 500 -13.04 -0.96 -15.45
C ALA A 500 -12.06 -1.23 -14.32
N THR A 501 -12.12 -2.41 -13.72
CA THR A 501 -11.29 -2.72 -12.54
C THR A 501 -9.95 -3.36 -12.88
N GLY A 502 -9.69 -3.70 -14.14
CA GLY A 502 -8.49 -4.41 -14.53
C GLY A 502 -8.64 -5.92 -14.58
N GLU A 503 -9.83 -6.46 -14.28
CA GLU A 503 -10.04 -7.90 -14.34
C GLU A 503 -10.15 -8.42 -15.76
N GLU A 504 -10.63 -7.60 -16.68
CA GLU A 504 -10.66 -7.93 -18.10
C GLU A 504 -10.01 -6.80 -18.88
N VAL A 505 -9.53 -7.14 -20.07
CA VAL A 505 -9.07 -6.12 -21.01
C VAL A 505 -10.29 -5.52 -21.71
N PRO A 506 -10.39 -4.19 -21.80
CA PRO A 506 -11.51 -3.59 -22.53
C PRO A 506 -11.61 -4.15 -23.93
N ARG A 507 -12.83 -4.41 -24.39
CA ARG A 507 -13.05 -4.92 -25.75
C ARG A 507 -13.65 -3.87 -26.67
N THR A 508 -13.72 -2.62 -26.24
CA THR A 508 -14.14 -1.48 -27.05
C THR A 508 -12.97 -0.51 -27.22
N ILE A 509 -13.14 0.45 -28.14
CA ILE A 509 -12.16 1.52 -28.31
C ILE A 509 -12.53 2.68 -27.39
N ILE A 510 -11.58 3.17 -26.60
CA ILE A 510 -11.89 4.10 -25.52
C ILE A 510 -11.29 5.47 -25.84
N VAL A 511 -12.10 6.51 -25.65
CA VAL A 511 -11.72 7.89 -25.92
C VAL A 511 -11.47 8.57 -24.59
N THR A 512 -10.29 9.21 -24.46
CA THR A 512 -9.84 9.93 -23.28
C THR A 512 -9.46 11.37 -23.69
N THR A 513 -9.93 12.36 -22.93
CA THR A 513 -9.66 13.76 -23.29
C THR A 513 -9.38 14.59 -22.05
N ARG A 514 -8.66 15.70 -22.27
CA ARG A 514 -8.48 16.69 -21.21
C ARG A 514 -9.78 17.37 -20.83
N SER A 515 -10.74 17.47 -21.75
CA SER A 515 -12.01 18.11 -21.41
C SER A 515 -12.80 17.28 -20.39
N GLN A 516 -12.69 15.94 -20.44
CA GLN A 516 -13.35 15.11 -19.43
C GLN A 516 -12.94 15.45 -18.01
N TYR A 517 -11.80 16.13 -17.80
CA TYR A 517 -11.33 16.39 -16.44
C TYR A 517 -11.15 17.87 -16.15
N GLY A 518 -11.70 18.76 -16.99
CA GLY A 518 -11.44 20.17 -16.85
C GLY A 518 -9.98 20.55 -17.01
N LEU A 519 -9.22 19.77 -17.77
CA LEU A 519 -7.81 20.14 -17.93
C LEU A 519 -7.64 21.08 -19.13
N PRO A 520 -6.74 22.06 -19.03
CA PRO A 520 -6.51 22.99 -20.16
C PRO A 520 -5.95 22.28 -21.38
N GLU A 521 -6.47 22.64 -22.55
CA GLU A 521 -5.91 22.14 -23.80
C GLU A 521 -4.61 22.82 -24.17
N ASP A 522 -4.29 23.96 -23.55
CA ASP A 522 -3.24 24.84 -24.06
C ASP A 522 -2.21 25.15 -22.98
N ALA A 523 -1.97 24.21 -22.07
CA ALA A 523 -0.99 24.43 -21.01
C ALA A 523 -0.43 23.09 -20.59
N ILE A 524 0.68 23.15 -19.84
CA ILE A 524 1.34 21.97 -19.30
C ILE A 524 0.53 21.43 -18.14
N VAL A 525 0.40 20.09 -18.07
CA VAL A 525 -0.32 19.40 -16.99
C VAL A 525 0.69 18.58 -16.19
N TYR A 526 0.99 19.04 -14.97
CA TYR A 526 1.72 18.26 -13.98
C TYR A 526 0.71 17.47 -13.14
N CYS A 527 1.01 16.19 -12.87
CA CYS A 527 0.07 15.37 -12.14
C CYS A 527 0.80 14.65 -11.02
N ASN A 528 0.06 14.37 -9.95
CA ASN A 528 0.40 13.34 -8.98
C ASN A 528 -0.89 12.62 -8.59
N PHE A 529 -0.93 11.30 -8.77
CA PHE A 529 -2.14 10.52 -8.53
C PHE A 529 -2.08 9.69 -7.24
N ASN A 530 -1.20 10.07 -6.32
CA ASN A 530 -1.02 9.36 -5.06
C ASN A 530 -2.09 9.79 -4.05
N GLN A 531 -2.16 9.06 -2.95
CA GLN A 531 -2.96 9.50 -1.83
C GLN A 531 -2.33 10.74 -1.21
N LEU A 532 -3.17 11.72 -0.91
CA LEU A 532 -2.70 13.02 -0.45
C LEU A 532 -1.76 12.92 0.75
N TYR A 533 -1.84 11.86 1.56
CA TYR A 533 -1.00 11.83 2.75
C TYR A 533 0.48 11.83 2.42
N LYS A 534 0.86 11.48 1.19
CA LYS A 534 2.27 11.47 0.81
C LYS A 534 2.84 12.86 0.56
N ILE A 535 1.97 13.88 0.47
CA ILE A 535 2.41 15.28 0.35
C ILE A 535 2.73 15.82 1.74
N ASP A 536 3.86 16.54 1.85
CA ASP A 536 4.19 17.28 3.06
C ASP A 536 4.42 18.75 2.71
N PRO A 537 4.57 19.64 3.70
CA PRO A 537 4.79 21.07 3.38
C PRO A 537 5.90 21.32 2.36
N SER A 538 7.07 20.70 2.51
CA SER A 538 8.16 20.93 1.56
CA SER A 538 8.15 20.96 1.57
C SER A 538 7.75 20.60 0.15
N THR A 539 7.10 19.45 -0.03
CA THR A 539 6.72 19.00 -1.37
C THR A 539 5.74 19.97 -2.02
N LEU A 540 4.72 20.41 -1.29
CA LEU A 540 3.83 21.40 -1.88
C LEU A 540 4.57 22.69 -2.24
N GLN A 541 5.59 23.08 -1.46
CA GLN A 541 6.36 24.28 -1.77
C GLN A 541 7.14 24.10 -3.08
N MET A 542 7.83 22.96 -3.22
CA MET A 542 8.50 22.65 -4.48
CA MET A 542 8.49 22.63 -4.47
C MET A 542 7.52 22.75 -5.65
N TRP A 543 6.37 22.11 -5.52
CA TRP A 543 5.39 22.11 -6.61
C TRP A 543 4.94 23.54 -6.95
N ALA A 544 4.79 24.39 -5.93
CA ALA A 544 4.40 25.77 -6.16
C ALA A 544 5.53 26.56 -6.81
N ASN A 545 6.77 26.33 -6.40
CA ASN A 545 7.90 26.92 -7.11
C ASN A 545 7.85 26.55 -8.59
N ILE A 546 7.55 25.28 -8.89
CA ILE A 546 7.51 24.82 -10.28
C ILE A 546 6.41 25.52 -11.06
N LEU A 547 5.21 25.63 -10.47
CA LEU A 547 4.09 26.18 -11.22
C LEU A 547 4.21 27.69 -11.40
N LYS A 548 4.83 28.37 -10.42
CA LYS A 548 5.10 29.80 -10.59
C LYS A 548 6.06 30.06 -11.75
N ARG A 549 7.11 29.23 -11.88
CA ARG A 549 8.06 29.37 -12.98
C ARG A 549 7.48 28.97 -14.34
N VAL A 550 6.42 28.17 -14.37
CA VAL A 550 5.82 27.75 -15.63
C VAL A 550 4.41 28.31 -15.71
N PRO A 551 4.23 29.60 -15.97
CA PRO A 551 2.89 30.21 -15.82
C PRO A 551 1.79 29.49 -16.55
N ASN A 552 2.11 28.82 -17.66
CA ASN A 552 1.09 28.15 -18.45
C ASN A 552 1.04 26.67 -18.03
N SER A 553 0.45 26.41 -16.85
CA SER A 553 0.42 25.05 -16.33
C SER A 553 -0.45 24.93 -15.09
N VAL A 554 -0.90 23.70 -14.86
CA VAL A 554 -1.75 23.33 -13.73
C VAL A 554 -1.17 22.07 -13.08
N LEU A 555 -1.41 21.94 -11.79
CA LEU A 555 -1.15 20.72 -11.04
C LEU A 555 -2.46 19.91 -10.92
N TRP A 556 -2.36 18.62 -11.21
CA TRP A 556 -3.52 17.73 -11.29
C TRP A 556 -3.44 16.72 -10.14
N LEU A 557 -4.43 16.77 -9.25
CA LEU A 557 -4.44 15.94 -8.04
C LEU A 557 -5.78 15.24 -7.89
N LEU A 558 -5.78 14.21 -7.03
CA LEU A 558 -6.98 13.41 -6.76
C LEU A 558 -7.59 13.74 -5.40
N ARG A 559 -8.93 13.62 -5.33
CA ARG A 559 -9.65 13.68 -4.06
C ARG A 559 -9.47 12.36 -3.32
N PHE A 560 -8.32 12.25 -2.65
CA PHE A 560 -7.81 10.97 -2.16
C PHE A 560 -7.29 11.15 -0.74
N PRO A 561 -8.16 11.56 0.20
CA PRO A 561 -9.61 11.78 0.14
C PRO A 561 -10.02 13.20 -0.19
N ALA A 562 -11.30 13.40 -0.49
CA ALA A 562 -11.75 14.73 -0.85
C ALA A 562 -11.62 15.72 0.30
N VAL A 563 -11.60 15.27 1.56
CA VAL A 563 -11.52 16.23 2.66
C VAL A 563 -10.12 16.84 2.79
N GLY A 564 -9.14 16.33 2.03
CA GLY A 564 -7.84 16.98 1.94
C GLY A 564 -7.78 18.10 0.93
N GLU A 565 -8.71 18.13 -0.03
CA GLU A 565 -8.74 19.16 -1.05
C GLU A 565 -8.66 20.58 -0.51
N PRO A 566 -9.49 21.00 0.45
CA PRO A 566 -9.42 22.41 0.89
C PRO A 566 -8.12 22.75 1.60
N ASN A 567 -7.49 21.82 2.31
CA ASN A 567 -6.20 22.13 2.94
C ASN A 567 -5.11 22.38 1.91
N ILE A 568 -5.00 21.50 0.90
CA ILE A 568 -4.06 21.70 -0.20
C ILE A 568 -4.31 23.05 -0.85
N GLN A 569 -5.56 23.34 -1.20
CA GLN A 569 -5.87 24.60 -1.84
C GLN A 569 -5.36 25.77 -1.01
N GLN A 570 -5.59 25.73 0.31
CA GLN A 570 -5.23 26.87 1.15
C GLN A 570 -3.72 27.03 1.27
N TYR A 571 -3.01 25.94 1.57
CA TYR A 571 -1.56 26.07 1.64
C TYR A 571 -0.97 26.52 0.32
N ALA A 572 -1.57 26.11 -0.80
CA ALA A 572 -1.10 26.56 -2.09
C ALA A 572 -1.33 28.07 -2.27
N GLN A 573 -2.48 28.57 -1.82
CA GLN A 573 -2.76 30.00 -1.92
C GLN A 573 -1.87 30.80 -0.97
N ASN A 574 -1.57 30.26 0.21
CA ASN A 574 -0.61 30.94 1.06
C ASN A 574 0.80 30.88 0.48
N MET A 575 1.04 30.03 -0.51
CA MET A 575 2.33 29.96 -1.18
C MET A 575 2.38 30.83 -2.44
N GLY A 576 1.30 31.53 -2.76
CA GLY A 576 1.25 32.34 -3.97
C GLY A 576 0.80 31.53 -5.18
N LEU A 577 -0.36 30.89 -5.07
CA LEU A 577 -0.87 30.01 -6.11
C LEU A 577 -2.38 30.13 -6.22
N PRO A 578 -2.90 30.71 -7.30
CA PRO A 578 -4.35 30.79 -7.45
C PRO A 578 -5.02 29.43 -7.39
N GLN A 579 -6.26 29.41 -6.86
CA GLN A 579 -7.03 28.17 -6.74
C GLN A 579 -7.05 27.41 -8.07
N ASN A 580 -7.22 28.13 -9.18
CA ASN A 580 -7.43 27.51 -10.47
C ASN A 580 -6.18 26.89 -11.07
N ARG A 581 -5.00 27.00 -10.44
CA ARG A 581 -3.83 26.30 -10.94
C ARG A 581 -3.83 24.83 -10.52
N ILE A 582 -4.65 24.46 -9.55
CA ILE A 582 -4.72 23.10 -9.04
C ILE A 582 -6.08 22.54 -9.39
N ILE A 583 -6.10 21.46 -10.15
CA ILE A 583 -7.32 20.82 -10.62
C ILE A 583 -7.42 19.46 -9.95
N PHE A 584 -8.49 19.24 -9.19
CA PHE A 584 -8.74 17.97 -8.52
C PHE A 584 -9.74 17.12 -9.31
N SER A 585 -9.52 15.82 -9.31
CA SER A 585 -10.45 14.83 -9.84
C SER A 585 -10.75 13.78 -8.79
N PRO A 586 -11.85 13.05 -8.93
CA PRO A 586 -12.09 11.90 -8.07
C PRO A 586 -11.16 10.74 -8.41
N VAL A 587 -10.96 9.89 -7.40
CA VAL A 587 -10.38 8.57 -7.66
C VAL A 587 -11.23 7.87 -8.71
N ALA A 588 -10.57 7.21 -9.64
CA ALA A 588 -11.24 6.52 -10.74
C ALA A 588 -11.08 5.02 -10.60
N PRO A 589 -11.91 4.23 -11.26
CA PRO A 589 -11.62 2.79 -11.38
C PRO A 589 -10.25 2.55 -12.03
N LYS A 590 -9.70 1.36 -11.77
CA LYS A 590 -8.29 1.07 -12.02
C LYS A 590 -7.88 1.41 -13.47
N GLU A 591 -8.62 0.92 -14.46
CA GLU A 591 -8.19 1.10 -15.84
C GLU A 591 -8.29 2.57 -16.27
N GLU A 592 -9.33 3.27 -15.83
CA GLU A 592 -9.44 4.70 -16.14
C GLU A 592 -8.31 5.50 -15.48
N HIS A 593 -7.96 5.15 -14.26
CA HIS A 593 -6.83 5.79 -13.60
C HIS A 593 -5.56 5.66 -14.44
N VAL A 594 -5.23 4.44 -14.87
CA VAL A 594 -4.02 4.24 -15.66
C VAL A 594 -4.12 4.94 -17.00
N ARG A 595 -5.26 4.78 -17.68
CA ARG A 595 -5.46 5.34 -19.02
C ARG A 595 -5.41 6.86 -19.00
N ARG A 596 -5.96 7.49 -17.97
CA ARG A 596 -6.04 8.95 -18.01
C ARG A 596 -4.69 9.59 -17.75
N GLY A 597 -3.71 8.83 -17.23
CA GLY A 597 -2.38 9.40 -17.07
C GLY A 597 -1.77 9.86 -18.38
N GLN A 598 -2.23 9.31 -19.52
CA GLN A 598 -1.83 9.79 -20.83
C GLN A 598 -2.10 11.27 -21.03
N LEU A 599 -3.07 11.86 -20.30
CA LEU A 599 -3.44 13.25 -20.52
C LEU A 599 -2.43 14.23 -19.93
N ALA A 600 -1.67 13.81 -18.94
CA ALA A 600 -0.67 14.67 -18.34
C ALA A 600 0.60 14.74 -19.20
N ASP A 601 1.36 15.82 -19.00
CA ASP A 601 2.70 15.97 -19.57
C ASP A 601 3.76 15.39 -18.67
N VAL A 602 3.64 15.64 -17.35
CA VAL A 602 4.68 15.29 -16.41
C VAL A 602 4.04 14.89 -15.08
N CYS A 603 4.61 13.87 -14.47
CA CYS A 603 4.27 13.48 -13.12
C CYS A 603 5.35 13.98 -12.17
N LEU A 604 4.93 14.73 -11.15
CA LEU A 604 5.80 15.18 -10.06
C LEU A 604 5.62 14.22 -8.87
N ASP A 605 6.66 13.43 -8.61
CA ASP A 605 6.61 12.39 -7.60
C ASP A 605 6.80 12.96 -6.20
N THR A 606 6.17 12.31 -5.23
CA THR A 606 6.22 12.71 -3.84
C THR A 606 7.52 12.21 -3.20
N PRO A 607 8.38 13.08 -2.69
CA PRO A 607 9.66 12.59 -2.15
C PRO A 607 9.52 11.89 -0.82
N LEU A 608 8.65 12.40 0.06
CA LEU A 608 8.45 11.77 1.37
C LEU A 608 8.21 10.26 1.25
N CYS A 609 7.25 9.87 0.41
CA CYS A 609 7.02 8.48 0.02
C CYS A 609 6.58 8.48 -1.45
N ASN A 610 7.37 7.84 -2.30
CA ASN A 610 7.08 7.93 -3.72
C ASN A 610 5.77 7.23 -4.06
N GLY A 611 5.32 7.48 -5.29
CA GLY A 611 4.44 6.52 -5.94
C GLY A 611 5.20 5.22 -6.15
N HIS A 612 4.60 4.12 -5.73
CA HIS A 612 5.18 2.80 -5.99
C HIS A 612 4.31 2.15 -7.04
N THR A 613 3.19 1.56 -6.65
CA THR A 613 2.20 1.11 -7.62
C THR A 613 1.84 2.24 -8.58
N THR A 614 1.55 3.43 -8.02
CA THR A 614 1.09 4.54 -8.86
C THR A 614 2.22 5.05 -9.77
N GLY A 615 3.47 4.85 -9.35
CA GLY A 615 4.59 5.15 -10.23
C GLY A 615 4.68 4.22 -11.43
N MET A 616 4.36 2.93 -11.25
CA MET A 616 4.26 2.05 -12.41
C MET A 616 3.08 2.46 -13.30
N ASP A 617 1.95 2.87 -12.69
CA ASP A 617 0.78 3.26 -13.48
C ASP A 617 1.12 4.42 -14.41
N VAL A 618 1.77 5.46 -13.88
CA VAL A 618 2.05 6.67 -14.64
C VAL A 618 3.06 6.39 -15.75
N LEU A 619 4.09 5.57 -15.47
CA LEU A 619 5.05 5.19 -16.50
C LEU A 619 4.39 4.37 -17.59
N TRP A 620 3.38 3.56 -17.26
CA TRP A 620 2.74 2.74 -18.29
C TRP A 620 1.96 3.62 -19.27
N ALA A 621 1.44 4.76 -18.79
CA ALA A 621 0.80 5.75 -19.67
C ALA A 621 1.81 6.49 -20.54
N GLY A 622 3.11 6.32 -20.31
CA GLY A 622 4.13 7.05 -21.05
C GLY A 622 4.47 8.40 -20.46
N THR A 623 4.13 8.64 -19.21
CA THR A 623 4.30 9.97 -18.65
CA THR A 623 4.26 9.96 -18.59
C THR A 623 5.58 10.05 -17.83
N PRO A 624 6.51 10.93 -18.22
CA PRO A 624 7.76 11.08 -17.46
C PRO A 624 7.49 11.48 -16.01
N MET A 625 8.28 10.94 -15.10
CA MET A 625 8.11 11.18 -13.68
C MET A 625 9.40 11.79 -13.11
N VAL A 626 9.27 12.95 -12.47
CA VAL A 626 10.40 13.58 -11.78
C VAL A 626 10.39 13.13 -10.32
N THR A 627 11.53 12.68 -9.80
CA THR A 627 11.60 12.17 -8.44
C THR A 627 12.87 12.67 -7.77
N MET A 628 12.86 12.68 -6.45
CA MET A 628 14.02 13.06 -5.63
C MET A 628 14.21 11.98 -4.57
N PRO A 629 15.04 10.98 -4.84
CA PRO A 629 15.20 9.88 -3.86
C PRO A 629 15.76 10.39 -2.54
N GLY A 630 15.12 10.00 -1.44
CA GLY A 630 15.64 10.21 -0.10
C GLY A 630 16.51 9.05 0.34
N GLU A 631 16.43 8.69 1.61
CA GLU A 631 17.16 7.56 2.18
C GLU A 631 16.30 6.35 2.52
N THR A 632 15.04 6.53 2.93
CA THR A 632 14.17 5.39 3.21
C THR A 632 13.90 4.60 1.92
N LEU A 633 13.62 3.32 2.09
CA LEU A 633 13.24 2.52 0.93
C LEU A 633 12.04 3.13 0.22
N ALA A 634 11.05 3.60 0.98
CA ALA A 634 9.83 4.15 0.38
C ALA A 634 10.07 5.44 -0.38
N SER A 635 11.18 6.12 -0.13
CA SER A 635 11.50 7.39 -0.79
C SER A 635 12.36 7.20 -2.03
N ARG A 636 12.73 5.95 -2.35
CA ARG A 636 13.65 5.66 -3.42
C ARG A 636 13.08 4.71 -4.47
N VAL A 637 11.87 4.19 -4.30
CA VAL A 637 11.30 3.25 -5.26
C VAL A 637 11.17 3.89 -6.65
N ALA A 638 10.66 5.14 -6.70
CA ALA A 638 10.45 5.78 -7.99
C ALA A 638 11.77 5.96 -8.75
N ALA A 639 12.83 6.38 -8.06
CA ALA A 639 14.11 6.55 -8.75
C ALA A 639 14.64 5.20 -9.24
N SER A 640 14.38 4.12 -8.50
CA SER A 640 14.77 2.79 -8.95
C SER A 640 13.96 2.37 -10.18
N GLN A 641 12.70 2.77 -10.25
CA GLN A 641 11.92 2.47 -11.45
C GLN A 641 12.50 3.17 -12.67
N LEU A 642 12.81 4.47 -12.54
CA LEU A 642 13.31 5.26 -13.66
C LEU A 642 14.70 4.81 -14.10
N THR A 643 15.54 4.38 -13.14
CA THR A 643 16.84 3.81 -13.50
C THR A 643 16.67 2.57 -14.39
N CYS A 644 15.78 1.66 -13.97
CA CYS A 644 15.47 0.51 -14.81
C CYS A 644 14.89 0.96 -16.14
N LEU A 645 13.90 1.85 -16.09
CA LEU A 645 13.39 2.44 -17.31
C LEU A 645 14.51 3.07 -18.15
N GLY A 646 15.62 3.46 -17.52
CA GLY A 646 16.69 4.13 -18.22
C GLY A 646 16.53 5.63 -18.39
N CYS A 647 15.93 6.31 -17.42
CA CYS A 647 15.73 7.76 -17.50
C CYS A 647 16.36 8.47 -16.32
N LEU A 648 17.69 8.39 -16.22
CA LEU A 648 18.41 9.04 -15.13
C LEU A 648 18.18 10.53 -15.13
N GLU A 649 17.90 11.14 -16.28
CA GLU A 649 17.73 12.59 -16.29
C GLU A 649 16.52 13.04 -15.47
N LEU A 650 15.61 12.14 -15.13
CA LEU A 650 14.44 12.47 -14.33
C LEU A 650 14.66 12.32 -12.82
N ILE A 651 15.88 12.00 -12.37
CA ILE A 651 16.19 11.72 -10.98
C ILE A 651 16.97 12.92 -10.43
N ALA A 652 16.37 13.65 -9.49
CA ALA A 652 16.96 14.84 -8.88
C ALA A 652 17.78 14.51 -7.64
N LYS A 653 18.90 15.20 -7.49
CA LYS A 653 19.76 15.07 -6.31
C LYS A 653 19.39 16.01 -5.18
N ASN A 654 18.54 17.01 -5.43
CA ASN A 654 18.09 17.92 -4.38
C ASN A 654 16.87 18.67 -4.90
N ARG A 655 16.30 19.51 -4.03
CA ARG A 655 15.07 20.20 -4.41
C ARG A 655 15.28 21.11 -5.61
N GLN A 656 16.42 21.81 -5.67
CA GLN A 656 16.65 22.73 -6.78
C GLN A 656 16.69 21.97 -8.10
N GLU A 657 17.38 20.84 -8.12
CA GLU A 657 17.42 20.04 -9.34
C GLU A 657 16.03 19.52 -9.70
N TYR A 658 15.23 19.14 -8.69
CA TYR A 658 13.87 18.68 -8.92
C TYR A 658 13.03 19.76 -9.60
N GLU A 659 13.06 20.97 -9.05
CA GLU A 659 12.33 22.05 -9.70
C GLU A 659 12.89 22.33 -11.09
N ASP A 660 14.23 22.29 -11.26
CA ASP A 660 14.82 22.59 -12.57
C ASP A 660 14.41 21.56 -13.61
N ILE A 661 14.37 20.27 -13.23
CA ILE A 661 13.96 19.24 -14.18
C ILE A 661 12.49 19.42 -14.56
N ALA A 662 11.64 19.70 -13.57
CA ALA A 662 10.22 19.88 -13.83
C ALA A 662 9.96 21.14 -14.67
N VAL A 663 10.64 22.24 -14.33
CA VAL A 663 10.44 23.46 -15.10
C VAL A 663 10.95 23.29 -16.52
N LYS A 664 12.09 22.62 -16.68
CA LYS A 664 12.60 22.34 -18.01
C LYS A 664 11.59 21.55 -18.84
N LEU A 665 11.03 20.47 -18.27
CA LEU A 665 10.09 19.66 -19.06
C LEU A 665 8.83 20.43 -19.41
N GLY A 666 8.46 21.42 -18.59
CA GLY A 666 7.31 22.26 -18.87
C GLY A 666 7.55 23.45 -19.77
N THR A 667 8.80 23.75 -20.12
CA THR A 667 9.12 24.91 -20.95
C THR A 667 9.91 24.54 -22.21
N ASP A 668 10.86 23.62 -22.11
CA ASP A 668 11.65 23.18 -23.26
C ASP A 668 10.88 22.04 -23.94
N LEU A 669 9.93 22.42 -24.80
CA LEU A 669 8.92 21.48 -25.29
C LEU A 669 9.50 20.41 -26.22
N GLU A 670 10.55 20.71 -26.99
CA GLU A 670 11.20 19.65 -27.76
C GLU A 670 11.84 18.63 -26.84
N TYR A 671 12.42 19.10 -25.74
CA TYR A 671 12.97 18.19 -24.76
C TYR A 671 11.87 17.36 -24.12
N LEU A 672 10.72 17.97 -23.83
CA LEU A 672 9.59 17.20 -23.31
C LEU A 672 9.16 16.14 -24.32
N LYS A 673 9.13 16.50 -25.59
CA LYS A 673 8.75 15.55 -26.63
C LYS A 673 9.72 14.37 -26.68
N LYS A 674 11.02 14.68 -26.58
CA LYS A 674 12.05 13.66 -26.56
C LYS A 674 11.88 12.74 -25.35
N VAL A 675 11.76 13.31 -24.15
CA VAL A 675 11.69 12.49 -22.94
C VAL A 675 10.43 11.62 -22.96
N ARG A 676 9.31 12.17 -23.43
CA ARG A 676 8.08 11.39 -23.49
C ARG A 676 8.20 10.22 -24.45
N GLY A 677 8.81 10.43 -25.62
CA GLY A 677 9.04 9.33 -26.53
C GLY A 677 9.93 8.27 -25.91
N LYS A 678 10.94 8.69 -25.17
CA LYS A 678 11.79 7.73 -24.48
C LYS A 678 10.97 6.86 -23.53
N VAL A 679 10.21 7.49 -22.61
CA VAL A 679 9.36 6.70 -21.71
C VAL A 679 8.41 5.81 -22.51
N TRP A 680 7.68 6.38 -23.47
CA TRP A 680 6.71 5.61 -24.23
C TRP A 680 7.33 4.35 -24.85
N LYS A 681 8.53 4.48 -25.40
CA LYS A 681 9.21 3.35 -26.01
C LYS A 681 9.85 2.46 -24.96
N GLN A 682 10.51 3.06 -23.99
CA GLN A 682 11.28 2.31 -23.00
C GLN A 682 10.39 1.47 -22.08
N ARG A 683 9.12 1.85 -21.85
CA ARG A 683 8.26 1.00 -21.04
C ARG A 683 8.07 -0.38 -21.66
N ILE A 684 8.39 -0.54 -22.95
CA ILE A 684 8.34 -1.83 -23.63
C ILE A 684 9.72 -2.47 -23.70
N SER A 685 10.73 -1.72 -24.12
CA SER A 685 12.03 -2.32 -24.43
C SER A 685 12.92 -2.49 -23.19
N SER A 686 12.69 -1.73 -22.12
CA SER A 686 13.38 -1.95 -20.85
C SER A 686 12.79 -3.15 -20.11
N PRO A 687 13.43 -3.57 -19.00
CA PRO A 687 12.89 -4.66 -18.15
C PRO A 687 11.74 -4.25 -17.23
N LEU A 688 11.39 -2.96 -17.17
CA LEU A 688 10.51 -2.47 -16.10
C LEU A 688 9.21 -3.28 -16.01
N PHE A 689 8.55 -3.50 -17.15
CA PHE A 689 7.23 -4.12 -17.18
C PHE A 689 7.28 -5.54 -17.72
N ASN A 690 8.43 -6.18 -17.65
CA ASN A 690 8.71 -7.45 -18.29
C ASN A 690 8.69 -8.53 -17.21
N THR A 691 7.51 -9.10 -17.00
CA THR A 691 7.30 -9.99 -15.87
C THR A 691 8.04 -11.32 -16.06
N LYS A 692 8.21 -11.76 -17.31
CA LYS A 692 8.93 -13.01 -17.57
C LYS A 692 10.40 -12.86 -17.20
N GLN A 693 11.02 -11.77 -17.67
CA GLN A 693 12.41 -11.51 -17.32
C GLN A 693 12.57 -11.33 -15.82
N TYR A 694 11.68 -10.55 -15.20
CA TYR A 694 11.67 -10.41 -13.76
C TYR A 694 11.55 -11.77 -13.05
N THR A 695 10.63 -12.63 -13.50
CA THR A 695 10.47 -13.91 -12.82
C THR A 695 11.73 -14.75 -12.92
N MET A 696 12.50 -14.59 -13.99
CA MET A 696 13.73 -15.35 -14.18
C MET A 696 14.87 -14.76 -13.37
N GLU A 697 14.91 -13.43 -13.22
CA GLU A 697 15.85 -12.81 -12.30
C GLU A 697 15.58 -13.27 -10.87
N LEU A 698 14.31 -13.23 -10.46
CA LEU A 698 13.94 -13.65 -9.13
C LEU A 698 14.36 -15.10 -8.87
N GLU A 699 14.09 -15.98 -9.84
CA GLU A 699 14.58 -17.36 -9.76
C GLU A 699 16.11 -17.42 -9.56
N ARG A 700 16.86 -16.71 -10.41
CA ARG A 700 18.30 -16.65 -10.21
C ARG A 700 18.64 -16.25 -8.77
N LEU A 701 17.97 -15.21 -8.27
CA LEU A 701 18.25 -14.74 -6.92
C LEU A 701 17.85 -15.77 -5.85
N TYR A 702 16.79 -16.55 -6.11
CA TYR A 702 16.41 -17.60 -5.17
C TYR A 702 17.47 -18.68 -5.09
N LEU A 703 17.94 -19.16 -6.24
CA LEU A 703 18.98 -20.21 -6.22
C LEU A 703 20.25 -19.69 -5.57
N GLN A 704 20.56 -18.42 -5.75
CA GLN A 704 21.67 -17.81 -5.03
C GLN A 704 21.44 -17.91 -3.52
N MET A 705 20.24 -17.56 -3.06
CA MET A 705 19.92 -17.67 -1.63
C MET A 705 20.04 -19.10 -1.15
N TRP A 706 19.59 -20.04 -1.96
CA TRP A 706 19.49 -21.41 -1.48
C TRP A 706 20.85 -22.07 -1.44
N GLU A 707 21.58 -22.03 -2.56
CA GLU A 707 22.92 -22.60 -2.58
C GLU A 707 23.76 -22.07 -1.43
N HIS A 708 23.69 -20.77 -1.18
CA HIS A 708 24.38 -20.19 -0.03
C HIS A 708 24.05 -20.92 1.25
N TYR A 709 22.76 -21.12 1.52
CA TYR A 709 22.37 -21.81 2.74
C TYR A 709 22.66 -23.30 2.65
N ALA A 710 22.56 -23.88 1.45
CA ALA A 710 22.79 -25.32 1.29
C ALA A 710 24.25 -25.69 1.52
N ALA A 711 25.17 -24.74 1.41
CA ALA A 711 26.53 -24.93 1.87
C ALA A 711 26.68 -24.60 3.35
N GLY A 712 25.58 -24.50 4.10
CA GLY A 712 25.64 -24.30 5.53
C GLY A 712 26.01 -22.91 5.99
N ASN A 713 25.91 -21.90 5.13
CA ASN A 713 26.14 -20.53 5.54
C ASN A 713 24.83 -19.88 6.01
N LYS A 714 24.96 -18.88 6.88
CA LYS A 714 23.81 -18.11 7.33
C LYS A 714 23.59 -16.92 6.40
N PRO A 715 22.39 -16.34 6.44
CA PRO A 715 22.10 -15.23 5.52
C PRO A 715 23.24 -14.22 5.46
N ASP A 716 23.70 -13.95 4.26
CA ASP A 716 24.57 -12.81 4.02
C ASP A 716 24.06 -12.07 2.80
N HIS A 717 24.49 -10.80 2.68
CA HIS A 717 24.08 -9.95 1.57
C HIS A 717 24.31 -10.64 0.22
N MET A 718 23.29 -10.58 -0.63
CA MET A 718 23.34 -11.14 -1.98
C MET A 718 23.38 -9.98 -2.98
N ILE A 719 24.58 -9.62 -3.41
CA ILE A 719 24.73 -8.79 -4.61
C ILE A 719 25.39 -9.61 -5.73
N TYR B 1 -12.88 4.08 -5.50
CA TYR B 1 -13.49 5.25 -6.17
C TYR B 1 -14.94 5.40 -5.76
N PRO B 2 -15.57 6.53 -6.11
CA PRO B 2 -17.01 6.70 -5.81
C PRO B 2 -17.84 5.81 -6.70
N GLY B 3 -18.62 4.93 -6.08
CA GLY B 3 -19.34 3.90 -6.81
C GLY B 3 -18.59 2.59 -6.92
N GLY B 4 -17.70 2.30 -5.97
CA GLY B 4 -16.82 1.14 -6.09
C GLY B 4 -15.81 1.13 -4.97
N SER B 5 -14.68 0.50 -5.22
CA SER B 5 -13.60 0.53 -4.23
C SER B 5 -12.25 0.60 -4.91
N THR B 6 -11.34 1.30 -4.25
CA THR B 6 -9.96 1.39 -4.66
C THR B 6 -9.16 0.88 -3.47
N PRO B 7 -8.83 -0.42 -3.43
CA PRO B 7 -7.95 -0.93 -2.39
C PRO B 7 -6.59 -0.27 -2.46
N VAL B 8 -5.99 -0.04 -1.29
CA VAL B 8 -4.67 0.55 -1.13
C VAL B 8 -3.95 -0.26 -0.05
N SER B 9 -2.63 -0.08 0.04
CA SER B 9 -1.91 -0.61 1.18
C SER B 9 -2.40 0.06 2.45
N SER B 10 -2.54 -0.70 3.51
CA SER B 10 -2.94 -0.13 4.78
C SER B 10 -2.30 -0.94 5.90
N ALA B 11 -2.00 -0.24 6.99
CA ALA B 11 -1.39 -0.89 8.14
C ALA B 11 -2.34 -1.91 8.75
N ASN B 12 -1.78 -2.98 9.31
CA ASN B 12 -2.57 -4.04 9.96
C ASN B 12 -3.08 -3.56 11.31
#